data_2W9Q
# 
_entry.id   2W9Q 
# 
_audit_conform.dict_name       mmcif_pdbx.dic 
_audit_conform.dict_version    5.391 
_audit_conform.dict_location   http://mmcif.pdb.org/dictionaries/ascii/mmcif_pdbx.dic 
# 
loop_
_database_2.database_id 
_database_2.database_code 
_database_2.pdbx_database_accession 
_database_2.pdbx_DOI 
PDB   2W9Q         pdb_00002w9q 10.2210/pdb2w9q/pdb 
PDBE  EBI-38655    ?            ?                   
WWPDB D_1290038655 ?            ?                   
# 
loop_
_pdbx_audit_revision_history.ordinal 
_pdbx_audit_revision_history.data_content_type 
_pdbx_audit_revision_history.major_revision 
_pdbx_audit_revision_history.minor_revision 
_pdbx_audit_revision_history.revision_date 
1 'Structure model' 1 0 2010-02-02 
2 'Structure model' 1 1 2011-05-08 
3 'Structure model' 1 2 2011-07-13 
4 'Structure model' 1 3 2019-09-04 
5 'Structure model' 1 4 2024-05-08 
# 
_pdbx_audit_revision_details.ordinal             1 
_pdbx_audit_revision_details.revision_ordinal    1 
_pdbx_audit_revision_details.data_content_type   'Structure model' 
_pdbx_audit_revision_details.provider            repository 
_pdbx_audit_revision_details.type                'Initial release' 
_pdbx_audit_revision_details.description         ? 
_pdbx_audit_revision_details.details             ? 
# 
loop_
_pdbx_audit_revision_group.ordinal 
_pdbx_audit_revision_group.revision_ordinal 
_pdbx_audit_revision_group.data_content_type 
_pdbx_audit_revision_group.group 
1 2 'Structure model' 'Version format compliance' 
2 3 'Structure model' 'Version format compliance' 
3 4 'Structure model' 'Data collection'           
4 5 'Structure model' 'Data collection'           
5 5 'Structure model' 'Database references'       
6 5 'Structure model' Other                       
# 
loop_
_pdbx_audit_revision_category.ordinal 
_pdbx_audit_revision_category.revision_ordinal 
_pdbx_audit_revision_category.data_content_type 
_pdbx_audit_revision_category.category 
1 4 'Structure model' reflns               
2 5 'Structure model' chem_comp_atom       
3 5 'Structure model' chem_comp_bond       
4 5 'Structure model' database_2           
5 5 'Structure model' pdbx_database_status 
# 
loop_
_pdbx_audit_revision_item.ordinal 
_pdbx_audit_revision_item.revision_ordinal 
_pdbx_audit_revision_item.data_content_type 
_pdbx_audit_revision_item.item 
1 4 'Structure model' '_reflns.pdbx_Rmerge_I_obs'            
2 5 'Structure model' '_database_2.pdbx_DOI'                 
3 5 'Structure model' '_database_2.pdbx_database_accession'  
4 5 'Structure model' '_pdbx_database_status.status_code_sf' 
# 
_pdbx_database_status.status_code                     REL 
_pdbx_database_status.entry_id                        2W9Q 
_pdbx_database_status.deposit_site                    PDBE 
_pdbx_database_status.process_site                    PDBE 
_pdbx_database_status.SG_entry                        . 
_pdbx_database_status.recvd_initial_deposition_date   2009-01-28 
_pdbx_database_status.pdb_format_compatible           Y 
_pdbx_database_status.status_code_sf                  REL 
_pdbx_database_status.status_code_mr                  ? 
_pdbx_database_status.status_code_cs                  ? 
_pdbx_database_status.methods_development_category    ? 
_pdbx_database_status.status_code_nmr_data            ? 
# 
_pdbx_database_related.db_name        PDB 
_pdbx_database_related.db_id          2W9P 
_pdbx_database_related.content_type   unspecified 
_pdbx_database_related.details        'CRYSTAL STRUCTURE OF POTATO MULTICYSTATIN' 
# 
loop_
_audit_author.name 
_audit_author.pdbx_ordinal 
'Nissen, M.S.'    1 
'Kumar, G.N.'     2 
'Youn, B.'        3 
'Knowles, D.B.'   4 
'Lam, K.S.'       5 
'Ballinger, W.J.' 6 
'Knowles, N.R.'   7 
'Kang, C.'        8 
# 
_citation.id                        primary 
_citation.title                     
'Characterization of Solanum Tuberosum Multicystatin and its Structural Comparison with Other Cystatins.' 
_citation.journal_abbrev            'Plant Cell' 
_citation.journal_volume            21 
_citation.page_first                861 
_citation.page_last                 ? 
_citation.year                      2009 
_citation.journal_id_ASTM           PLCEEW 
_citation.country                   US 
_citation.journal_id_ISSN           1040-4651 
_citation.journal_id_CSD            2109 
_citation.book_publisher            ? 
_citation.pdbx_database_id_PubMed   19304935 
_citation.pdbx_database_id_DOI      10.1105/TPC.108.064717 
# 
loop_
_citation_author.citation_id 
_citation_author.name 
_citation_author.ordinal 
_citation_author.identifier_ORCID 
primary 'Nissen, M.S.'    1 ? 
primary 'Kumar, G.N.'     2 ? 
primary 'Youn, B.'        3 ? 
primary 'Knowles, D.B.'   4 ? 
primary 'Lam, K.S.'       5 ? 
primary 'Ballinger, W.J.' 6 ? 
primary 'Knowles, N.R.'   7 ? 
primary 'Kang, C.'        8 ? 
# 
loop_
_entity.id 
_entity.type 
_entity.src_method 
_entity.pdbx_description 
_entity.formula_weight 
_entity.pdbx_number_of_molecules 
_entity.pdbx_ec 
_entity.pdbx_mutation 
_entity.pdbx_fragment 
_entity.details 
1 polymer man MULTICYSTATIN 10147.722 1  ? ? 'RESIDUES 100-186' ? 
2 water   nat water         18.015    60 ? ? ?                  ? 
# 
_entity_name_com.entity_id   1 
_entity_name_com.name        'POTATO MULTICYSTATIN, MC' 
# 
_entity_poly.entity_id                      1 
_entity_poly.type                           'polypeptide(L)' 
_entity_poly.nstd_linkage                   no 
_entity_poly.nstd_monomer                   no 
_entity_poly.pdbx_seq_one_letter_code       
;GIVNVPNPNNTKFQELARFAIQDYNKKQNAHLEFVENLNVKEQVVAGIMYYITLAATDDAGKKKIYKAKIWVKEWEDFKK
VVEFKLV
;
_entity_poly.pdbx_seq_one_letter_code_can   
;GIVNVPNPNNTKFQELARFAIQDYNKKQNAHLEFVENLNVKEQVVAGIMYYITLAATDDAGKKKIYKAKIWVKEWEDFKK
VVEFKLV
;
_entity_poly.pdbx_strand_id                 A 
_entity_poly.pdbx_target_identifier         ? 
# 
_pdbx_entity_nonpoly.entity_id   2 
_pdbx_entity_nonpoly.name        water 
_pdbx_entity_nonpoly.comp_id     HOH 
# 
loop_
_entity_poly_seq.entity_id 
_entity_poly_seq.num 
_entity_poly_seq.mon_id 
_entity_poly_seq.hetero 
1 1  GLY n 
1 2  ILE n 
1 3  VAL n 
1 4  ASN n 
1 5  VAL n 
1 6  PRO n 
1 7  ASN n 
1 8  PRO n 
1 9  ASN n 
1 10 ASN n 
1 11 THR n 
1 12 LYS n 
1 13 PHE n 
1 14 GLN n 
1 15 GLU n 
1 16 LEU n 
1 17 ALA n 
1 18 ARG n 
1 19 PHE n 
1 20 ALA n 
1 21 ILE n 
1 22 GLN n 
1 23 ASP n 
1 24 TYR n 
1 25 ASN n 
1 26 LYS n 
1 27 LYS n 
1 28 GLN n 
1 29 ASN n 
1 30 ALA n 
1 31 HIS n 
1 32 LEU n 
1 33 GLU n 
1 34 PHE n 
1 35 VAL n 
1 36 GLU n 
1 37 ASN n 
1 38 LEU n 
1 39 ASN n 
1 40 VAL n 
1 41 LYS n 
1 42 GLU n 
1 43 GLN n 
1 44 VAL n 
1 45 VAL n 
1 46 ALA n 
1 47 GLY n 
1 48 ILE n 
1 49 MET n 
1 50 TYR n 
1 51 TYR n 
1 52 ILE n 
1 53 THR n 
1 54 LEU n 
1 55 ALA n 
1 56 ALA n 
1 57 THR n 
1 58 ASP n 
1 59 ASP n 
1 60 ALA n 
1 61 GLY n 
1 62 LYS n 
1 63 LYS n 
1 64 LYS n 
1 65 ILE n 
1 66 TYR n 
1 67 LYS n 
1 68 ALA n 
1 69 LYS n 
1 70 ILE n 
1 71 TRP n 
1 72 VAL n 
1 73 LYS n 
1 74 GLU n 
1 75 TRP n 
1 76 GLU n 
1 77 ASP n 
1 78 PHE n 
1 79 LYS n 
1 80 LYS n 
1 81 VAL n 
1 82 VAL n 
1 83 GLU n 
1 84 PHE n 
1 85 LYS n 
1 86 LEU n 
1 87 VAL n 
# 
_entity_src_gen.entity_id                          1 
_entity_src_gen.pdbx_src_id                        1 
_entity_src_gen.pdbx_alt_source_flag               sample 
_entity_src_gen.pdbx_seq_type                      ? 
_entity_src_gen.pdbx_beg_seq_num                   ? 
_entity_src_gen.pdbx_end_seq_num                   ? 
_entity_src_gen.gene_src_common_name               POTATO 
_entity_src_gen.gene_src_genus                     ? 
_entity_src_gen.pdbx_gene_src_gene                 ? 
_entity_src_gen.gene_src_species                   ? 
_entity_src_gen.gene_src_strain                    ? 
_entity_src_gen.gene_src_tissue                    ? 
_entity_src_gen.gene_src_tissue_fraction           ? 
_entity_src_gen.gene_src_details                   ? 
_entity_src_gen.pdbx_gene_src_fragment             ? 
_entity_src_gen.pdbx_gene_src_scientific_name      'SOLANUM TUBEROSUM' 
_entity_src_gen.pdbx_gene_src_ncbi_taxonomy_id     4113 
_entity_src_gen.pdbx_gene_src_variant              ? 
_entity_src_gen.pdbx_gene_src_cell_line            ? 
_entity_src_gen.pdbx_gene_src_atcc                 ? 
_entity_src_gen.pdbx_gene_src_organ                ? 
_entity_src_gen.pdbx_gene_src_organelle            ? 
_entity_src_gen.pdbx_gene_src_cell                 ? 
_entity_src_gen.pdbx_gene_src_cellular_location    ? 
_entity_src_gen.host_org_common_name               ? 
_entity_src_gen.pdbx_host_org_scientific_name      'ESCHERICHIA COLI' 
_entity_src_gen.pdbx_host_org_ncbi_taxonomy_id     562 
_entity_src_gen.host_org_genus                     ? 
_entity_src_gen.pdbx_host_org_gene                 ? 
_entity_src_gen.pdbx_host_org_organ                ? 
_entity_src_gen.host_org_species                   ? 
_entity_src_gen.pdbx_host_org_tissue               ? 
_entity_src_gen.pdbx_host_org_tissue_fraction      ? 
_entity_src_gen.pdbx_host_org_strain               ER2566 
_entity_src_gen.pdbx_host_org_variant              ? 
_entity_src_gen.pdbx_host_org_cell_line            ? 
_entity_src_gen.pdbx_host_org_atcc                 ? 
_entity_src_gen.pdbx_host_org_culture_collection   ? 
_entity_src_gen.pdbx_host_org_cell                 ? 
_entity_src_gen.pdbx_host_org_organelle            ? 
_entity_src_gen.pdbx_host_org_cellular_location    ? 
_entity_src_gen.pdbx_host_org_vector_type          ? 
_entity_src_gen.pdbx_host_org_vector               ? 
_entity_src_gen.host_org_details                   ? 
_entity_src_gen.expression_system_id               ? 
_entity_src_gen.plasmid_name                       PET28A 
_entity_src_gen.plasmid_details                    ? 
_entity_src_gen.pdbx_description                   ? 
# 
loop_
_chem_comp.id 
_chem_comp.type 
_chem_comp.mon_nstd_flag 
_chem_comp.name 
_chem_comp.pdbx_synonyms 
_chem_comp.formula 
_chem_comp.formula_weight 
ALA 'L-peptide linking' y ALANINE         ? 'C3 H7 N O2'     89.093  
ARG 'L-peptide linking' y ARGININE        ? 'C6 H15 N4 O2 1' 175.209 
ASN 'L-peptide linking' y ASPARAGINE      ? 'C4 H8 N2 O3'    132.118 
ASP 'L-peptide linking' y 'ASPARTIC ACID' ? 'C4 H7 N O4'     133.103 
GLN 'L-peptide linking' y GLUTAMINE       ? 'C5 H10 N2 O3'   146.144 
GLU 'L-peptide linking' y 'GLUTAMIC ACID' ? 'C5 H9 N O4'     147.129 
GLY 'peptide linking'   y GLYCINE         ? 'C2 H5 N O2'     75.067  
HIS 'L-peptide linking' y HISTIDINE       ? 'C6 H10 N3 O2 1' 156.162 
HOH non-polymer         . WATER           ? 'H2 O'           18.015  
ILE 'L-peptide linking' y ISOLEUCINE      ? 'C6 H13 N O2'    131.173 
LEU 'L-peptide linking' y LEUCINE         ? 'C6 H13 N O2'    131.173 
LYS 'L-peptide linking' y LYSINE          ? 'C6 H15 N2 O2 1' 147.195 
MET 'L-peptide linking' y METHIONINE      ? 'C5 H11 N O2 S'  149.211 
PHE 'L-peptide linking' y PHENYLALANINE   ? 'C9 H11 N O2'    165.189 
PRO 'L-peptide linking' y PROLINE         ? 'C5 H9 N O2'     115.130 
THR 'L-peptide linking' y THREONINE       ? 'C4 H9 N O3'     119.119 
TRP 'L-peptide linking' y TRYPTOPHAN      ? 'C11 H12 N2 O2'  204.225 
TYR 'L-peptide linking' y TYROSINE        ? 'C9 H11 N O3'    181.189 
VAL 'L-peptide linking' y VALINE          ? 'C5 H11 N O2'    117.146 
# 
loop_
_pdbx_poly_seq_scheme.asym_id 
_pdbx_poly_seq_scheme.entity_id 
_pdbx_poly_seq_scheme.seq_id 
_pdbx_poly_seq_scheme.mon_id 
_pdbx_poly_seq_scheme.ndb_seq_num 
_pdbx_poly_seq_scheme.pdb_seq_num 
_pdbx_poly_seq_scheme.auth_seq_num 
_pdbx_poly_seq_scheme.pdb_mon_id 
_pdbx_poly_seq_scheme.auth_mon_id 
_pdbx_poly_seq_scheme.pdb_strand_id 
_pdbx_poly_seq_scheme.pdb_ins_code 
_pdbx_poly_seq_scheme.hetero 
A 1 1  GLY 1  4  4  GLY GLY A . n 
A 1 2  ILE 2  5  5  ILE ILE A . n 
A 1 3  VAL 3  6  6  VAL VAL A . n 
A 1 4  ASN 4  7  7  ASN ASN A . n 
A 1 5  VAL 5  8  8  VAL VAL A . n 
A 1 6  PRO 6  9  9  PRO PRO A . n 
A 1 7  ASN 7  10 10 ASN ASN A . n 
A 1 8  PRO 8  11 11 PRO PRO A . n 
A 1 9  ASN 9  12 12 ASN ASN A . n 
A 1 10 ASN 10 13 13 ASN ASN A . n 
A 1 11 THR 11 14 14 THR THR A . n 
A 1 12 LYS 12 15 15 LYS LYS A . n 
A 1 13 PHE 13 16 16 PHE PHE A . n 
A 1 14 GLN 14 17 17 GLN GLN A . n 
A 1 15 GLU 15 18 18 GLU GLU A . n 
A 1 16 LEU 16 19 19 LEU LEU A . n 
A 1 17 ALA 17 20 20 ALA ALA A . n 
A 1 18 ARG 18 21 21 ARG ARG A . n 
A 1 19 PHE 19 22 22 PHE PHE A . n 
A 1 20 ALA 20 23 23 ALA ALA A . n 
A 1 21 ILE 21 24 24 ILE ILE A . n 
A 1 22 GLN 22 25 25 GLN GLN A . n 
A 1 23 ASP 23 26 26 ASP ASP A . n 
A 1 24 TYR 24 27 27 TYR TYR A . n 
A 1 25 ASN 25 28 28 ASN ASN A . n 
A 1 26 LYS 26 29 29 LYS LYS A . n 
A 1 27 LYS 27 30 30 LYS LYS A . n 
A 1 28 GLN 28 31 31 GLN GLN A . n 
A 1 29 ASN 29 32 32 ASN ASN A . n 
A 1 30 ALA 30 33 33 ALA ALA A . n 
A 1 31 HIS 31 34 34 HIS HIS A . n 
A 1 32 LEU 32 35 35 LEU LEU A . n 
A 1 33 GLU 33 36 36 GLU GLU A . n 
A 1 34 PHE 34 37 37 PHE PHE A . n 
A 1 35 VAL 35 38 38 VAL VAL A . n 
A 1 36 GLU 36 39 39 GLU GLU A . n 
A 1 37 ASN 37 40 40 ASN ASN A . n 
A 1 38 LEU 38 41 41 LEU LEU A . n 
A 1 39 ASN 39 42 42 ASN ASN A . n 
A 1 40 VAL 40 43 43 VAL VAL A . n 
A 1 41 LYS 41 44 44 LYS LYS A . n 
A 1 42 GLU 42 45 45 GLU GLU A . n 
A 1 43 GLN 43 46 46 GLN GLN A . n 
A 1 44 VAL 44 47 47 VAL VAL A . n 
A 1 45 VAL 45 48 48 VAL VAL A . n 
A 1 46 ALA 46 49 49 ALA ALA A . n 
A 1 47 GLY 47 50 50 GLY GLY A . n 
A 1 48 ILE 48 51 51 ILE ILE A . n 
A 1 49 MET 49 52 52 MET MET A . n 
A 1 50 TYR 50 53 53 TYR TYR A . n 
A 1 51 TYR 51 54 54 TYR TYR A . n 
A 1 52 ILE 52 55 55 ILE ILE A . n 
A 1 53 THR 53 56 56 THR THR A . n 
A 1 54 LEU 54 57 57 LEU LEU A . n 
A 1 55 ALA 55 58 58 ALA ALA A . n 
A 1 56 ALA 56 59 59 ALA ALA A . n 
A 1 57 THR 57 60 60 THR THR A . n 
A 1 58 ASP 58 61 61 ASP ASP A . n 
A 1 59 ASP 59 62 62 ASP ASP A . n 
A 1 60 ALA 60 63 63 ALA ALA A . n 
A 1 61 GLY 61 64 64 GLY GLY A . n 
A 1 62 LYS 62 65 65 LYS LYS A . n 
A 1 63 LYS 63 66 66 LYS LYS A . n 
A 1 64 LYS 64 67 67 LYS LYS A . n 
A 1 65 ILE 65 68 68 ILE ILE A . n 
A 1 66 TYR 66 69 69 TYR TYR A . n 
A 1 67 LYS 67 70 70 LYS LYS A . n 
A 1 68 ALA 68 71 71 ALA ALA A . n 
A 1 69 LYS 69 72 72 LYS LYS A . n 
A 1 70 ILE 70 73 73 ILE ILE A . n 
A 1 71 TRP 71 74 74 TRP TRP A . n 
A 1 72 VAL 72 75 75 VAL VAL A . n 
A 1 73 LYS 73 76 76 LYS LYS A . n 
A 1 74 GLU 74 77 77 GLU GLU A . n 
A 1 75 TRP 75 78 78 TRP TRP A . n 
A 1 76 GLU 76 79 79 GLU GLU A . n 
A 1 77 ASP 77 80 80 ASP ASP A . n 
A 1 78 PHE 78 81 81 PHE PHE A . n 
A 1 79 LYS 79 82 82 LYS LYS A . n 
A 1 80 LYS 80 83 83 LYS LYS A . n 
A 1 81 VAL 81 84 84 VAL VAL A . n 
A 1 82 VAL 82 85 85 VAL VAL A . n 
A 1 83 GLU 83 86 86 GLU GLU A . n 
A 1 84 PHE 84 87 87 PHE PHE A . n 
A 1 85 LYS 85 88 88 LYS LYS A . n 
A 1 86 LEU 86 89 89 LEU LEU A . n 
A 1 87 VAL 87 90 90 VAL VAL A . n 
# 
loop_
_pdbx_nonpoly_scheme.asym_id 
_pdbx_nonpoly_scheme.entity_id 
_pdbx_nonpoly_scheme.mon_id 
_pdbx_nonpoly_scheme.ndb_seq_num 
_pdbx_nonpoly_scheme.pdb_seq_num 
_pdbx_nonpoly_scheme.auth_seq_num 
_pdbx_nonpoly_scheme.pdb_mon_id 
_pdbx_nonpoly_scheme.auth_mon_id 
_pdbx_nonpoly_scheme.pdb_strand_id 
_pdbx_nonpoly_scheme.pdb_ins_code 
B 2 HOH 1  2001 2001 HOH HOH A . 
B 2 HOH 2  2002 2002 HOH HOH A . 
B 2 HOH 3  2003 2003 HOH HOH A . 
B 2 HOH 4  2004 2004 HOH HOH A . 
B 2 HOH 5  2005 2005 HOH HOH A . 
B 2 HOH 6  2006 2006 HOH HOH A . 
B 2 HOH 7  2007 2007 HOH HOH A . 
B 2 HOH 8  2008 2008 HOH HOH A . 
B 2 HOH 9  2009 2009 HOH HOH A . 
B 2 HOH 10 2010 2010 HOH HOH A . 
B 2 HOH 11 2011 2011 HOH HOH A . 
B 2 HOH 12 2012 2012 HOH HOH A . 
B 2 HOH 13 2013 2013 HOH HOH A . 
B 2 HOH 14 2014 2014 HOH HOH A . 
B 2 HOH 15 2015 2015 HOH HOH A . 
B 2 HOH 16 2016 2016 HOH HOH A . 
B 2 HOH 17 2017 2017 HOH HOH A . 
B 2 HOH 18 2018 2018 HOH HOH A . 
B 2 HOH 19 2019 2019 HOH HOH A . 
B 2 HOH 20 2020 2020 HOH HOH A . 
B 2 HOH 21 2021 2021 HOH HOH A . 
B 2 HOH 22 2022 2022 HOH HOH A . 
B 2 HOH 23 2023 2023 HOH HOH A . 
B 2 HOH 24 2024 2024 HOH HOH A . 
B 2 HOH 25 2025 2025 HOH HOH A . 
B 2 HOH 26 2026 2026 HOH HOH A . 
B 2 HOH 27 2027 2027 HOH HOH A . 
B 2 HOH 28 2028 2028 HOH HOH A . 
B 2 HOH 29 2029 2029 HOH HOH A . 
B 2 HOH 30 2030 2030 HOH HOH A . 
B 2 HOH 31 2031 2031 HOH HOH A . 
B 2 HOH 32 2032 2032 HOH HOH A . 
B 2 HOH 33 2033 2033 HOH HOH A . 
B 2 HOH 34 2034 2034 HOH HOH A . 
B 2 HOH 35 2035 2035 HOH HOH A . 
B 2 HOH 36 2036 2036 HOH HOH A . 
B 2 HOH 37 2037 2037 HOH HOH A . 
B 2 HOH 38 2038 2038 HOH HOH A . 
B 2 HOH 39 2039 2039 HOH HOH A . 
B 2 HOH 40 2040 2040 HOH HOH A . 
B 2 HOH 41 2041 2041 HOH HOH A . 
B 2 HOH 42 2042 2042 HOH HOH A . 
B 2 HOH 43 2043 2043 HOH HOH A . 
B 2 HOH 44 2044 2044 HOH HOH A . 
B 2 HOH 45 2045 2045 HOH HOH A . 
B 2 HOH 46 2046 2046 HOH HOH A . 
B 2 HOH 47 2047 2047 HOH HOH A . 
B 2 HOH 48 2048 2048 HOH HOH A . 
B 2 HOH 49 2049 2049 HOH HOH A . 
B 2 HOH 50 2050 2050 HOH HOH A . 
B 2 HOH 51 2051 2051 HOH HOH A . 
B 2 HOH 52 2052 2052 HOH HOH A . 
B 2 HOH 53 2053 2053 HOH HOH A . 
B 2 HOH 54 2054 2054 HOH HOH A . 
B 2 HOH 55 2055 2055 HOH HOH A . 
B 2 HOH 56 2056 2056 HOH HOH A . 
B 2 HOH 57 2057 2057 HOH HOH A . 
B 2 HOH 58 2058 2058 HOH HOH A . 
B 2 HOH 59 2059 2059 HOH HOH A . 
B 2 HOH 60 2060 2060 HOH HOH A . 
# 
loop_
_software.name 
_software.classification 
_software.version 
_software.citation_id 
_software.pdbx_ordinal 
_software.date 
_software.type 
_software.location 
_software.language 
X-PLOR refinement NULL ? 1 ? ? ? ? 
AMoRE  phasing    .    ? 2 ? ? ? ? 
# 
_cell.entry_id           2W9Q 
_cell.length_a           25.460 
_cell.length_b           54.530 
_cell.length_c           79.150 
_cell.angle_alpha        90.00 
_cell.angle_beta         90.00 
_cell.angle_gamma        90.00 
_cell.Z_PDB              4 
_cell.pdbx_unique_axis   ? 
# 
_symmetry.entry_id                         2W9Q 
_symmetry.space_group_name_H-M             'P 21 21 21' 
_symmetry.pdbx_full_space_group_name_H-M   ? 
_symmetry.cell_setting                     ? 
_symmetry.Int_Tables_number                19 
# 
_exptl.entry_id          2W9Q 
_exptl.method            'X-RAY DIFFRACTION' 
_exptl.crystals_number   ? 
# 
_exptl_crystal.id                    1 
_exptl_crystal.density_meas          ? 
_exptl_crystal.density_Matthews      2.53 
_exptl_crystal.density_percent_sol   50.91 
_exptl_crystal.description           NONE 
_exptl_crystal.preparation           ? 
# 
_diffrn.id                               1 
_diffrn.ambient_temp                     287 
_diffrn.ambient_temp_details             ? 
_diffrn.crystal_id                       1 
_diffrn.pdbx_serial_crystal_experiment   ? 
# 
_diffrn_radiation.diffrn_id                        1 
_diffrn_radiation.wavelength_id                    1 
_diffrn_radiation.pdbx_monochromatic_or_laue_m_l   M 
_diffrn_radiation.monochromator                    ? 
_diffrn_radiation.pdbx_diffrn_protocol             'SINGLE WAVELENGTH' 
_diffrn_radiation.pdbx_scattering_type             x-ray 
# 
_diffrn_radiation_wavelength.id           1 
_diffrn_radiation_wavelength.wavelength   1.54 
_diffrn_radiation_wavelength.wt           1.0 
# 
_diffrn_source.diffrn_id                   1 
_diffrn_source.source                      'ROTATING ANODE' 
_diffrn_source.type                        ? 
_diffrn_source.pdbx_synchrotron_site       ? 
_diffrn_source.pdbx_synchrotron_beamline   ? 
_diffrn_source.pdbx_wavelength             1.54 
_diffrn_source.pdbx_wavelength_list        ? 
# 
_reflns.pdbx_diffrn_id               1 
_reflns.pdbx_ordinal                 1 
_reflns.entry_id                     2W9Q 
_reflns.observed_criterion_sigma_I   2.0 
_reflns.observed_criterion_sigma_F   ? 
_reflns.d_resolution_low             20.00 
_reflns.d_resolution_high            2.50 
_reflns.number_obs                   3847 
_reflns.number_all                   ? 
_reflns.percent_possible_obs         94.8 
_reflns.pdbx_Rmerge_I_obs            0.03 
_reflns.pdbx_Rsym_value              ? 
_reflns.pdbx_netI_over_sigmaI        ? 
_reflns.B_iso_Wilson_estimate        ? 
_reflns.pdbx_redundancy              5.2 
_reflns.pdbx_CC_half                 ? 
_reflns.pdbx_Rpim_I_all              ? 
_reflns.pdbx_Rrim_I_all              ? 
# 
_refine.pdbx_refine_id                           'X-RAY DIFFRACTION' 
_refine.entry_id                                 2W9Q 
_refine.pdbx_diffrn_id                           1 
_refine.pdbx_TLS_residual_ADP_flag               ? 
_refine.ls_number_reflns_obs                     3837 
_refine.ls_number_reflns_all                     ? 
_refine.pdbx_ls_sigma_I                          ? 
_refine.pdbx_ls_sigma_F                          2.000 
_refine.pdbx_data_cutoff_high_absF               ? 
_refine.pdbx_data_cutoff_low_absF                ? 
_refine.pdbx_data_cutoff_high_rms_absF           ? 
_refine.ls_d_res_low                             10.00 
_refine.ls_d_res_high                            2.50 
_refine.ls_percent_reflns_obs                    94.5 
_refine.ls_R_factor_obs                          0.193 
_refine.ls_R_factor_all                          ? 
_refine.ls_R_factor_R_work                       0.193 
_refine.ls_R_factor_R_free                       0.232 
_refine.ls_R_factor_R_free_error                 ? 
_refine.ls_R_factor_R_free_error_details         ? 
_refine.ls_percent_reflns_R_free                 ? 
_refine.ls_number_reflns_R_free                  ? 
_refine.ls_number_parameters                     ? 
_refine.ls_number_restraints                     ? 
_refine.occupancy_min                            ? 
_refine.occupancy_max                            ? 
_refine.correlation_coeff_Fo_to_Fc               ? 
_refine.correlation_coeff_Fo_to_Fc_free          ? 
_refine.B_iso_mean                               ? 
_refine.aniso_B[1][1]                            ? 
_refine.aniso_B[2][2]                            ? 
_refine.aniso_B[3][3]                            ? 
_refine.aniso_B[1][2]                            ? 
_refine.aniso_B[1][3]                            ? 
_refine.aniso_B[2][3]                            ? 
_refine.solvent_model_details                    ? 
_refine.solvent_model_param_ksol                 ? 
_refine.solvent_model_param_bsol                 ? 
_refine.pdbx_solvent_vdw_probe_radii             ? 
_refine.pdbx_solvent_ion_probe_radii             ? 
_refine.pdbx_solvent_shrinkage_radii             ? 
_refine.pdbx_ls_cross_valid_method               THROUGHOUT 
_refine.details                                  ? 
_refine.pdbx_starting_model                      ? 
_refine.pdbx_method_to_determine_struct          'MOLECULAR REPLACEMENT' 
_refine.pdbx_isotropic_thermal_model             ? 
_refine.pdbx_stereochemistry_target_values       ? 
_refine.pdbx_stereochem_target_val_spec_case     ? 
_refine.pdbx_R_Free_selection_details            ? 
_refine.pdbx_overall_ESU_R                       ? 
_refine.pdbx_overall_ESU_R_Free                  ? 
_refine.overall_SU_ML                            ? 
_refine.pdbx_overall_phase_error                 ? 
_refine.overall_SU_B                             ? 
_refine.overall_SU_R_Cruickshank_DPI             ? 
_refine.pdbx_overall_SU_R_free_Cruickshank_DPI   ? 
_refine.pdbx_overall_SU_R_Blow_DPI               ? 
_refine.pdbx_overall_SU_R_free_Blow_DPI          ? 
# 
_refine_hist.pdbx_refine_id                   'X-RAY DIFFRACTION' 
_refine_hist.cycle_id                         LAST 
_refine_hist.pdbx_number_atoms_protein        717 
_refine_hist.pdbx_number_atoms_nucleic_acid   0 
_refine_hist.pdbx_number_atoms_ligand         0 
_refine_hist.number_atoms_solvent             60 
_refine_hist.number_atoms_total               777 
_refine_hist.d_res_high                       2.50 
_refine_hist.d_res_low                        10.00 
# 
loop_
_refine_ls_restr.type 
_refine_ls_restr.dev_ideal 
_refine_ls_restr.dev_ideal_target 
_refine_ls_restr.weight 
_refine_ls_restr.number 
_refine_ls_restr.pdbx_refine_id 
_refine_ls_restr.pdbx_restraint_function 
x_bond_d                0.016 ? ? ? 'X-RAY DIFFRACTION' ? 
x_bond_d_na             ?     ? ? ? 'X-RAY DIFFRACTION' ? 
x_bond_d_prot           ?     ? ? ? 'X-RAY DIFFRACTION' ? 
x_angle_d               ?     ? ? ? 'X-RAY DIFFRACTION' ? 
x_angle_d_na            ?     ? ? ? 'X-RAY DIFFRACTION' ? 
x_angle_d_prot          ?     ? ? ? 'X-RAY DIFFRACTION' ? 
x_angle_deg             3.82  ? ? ? 'X-RAY DIFFRACTION' ? 
x_angle_deg_na          ?     ? ? ? 'X-RAY DIFFRACTION' ? 
x_angle_deg_prot        ?     ? ? ? 'X-RAY DIFFRACTION' ? 
x_dihedral_angle_d      ?     ? ? ? 'X-RAY DIFFRACTION' ? 
x_dihedral_angle_d_na   ?     ? ? ? 'X-RAY DIFFRACTION' ? 
x_dihedral_angle_d_prot ?     ? ? ? 'X-RAY DIFFRACTION' ? 
x_improper_angle_d      ?     ? ? ? 'X-RAY DIFFRACTION' ? 
x_improper_angle_d_na   ?     ? ? ? 'X-RAY DIFFRACTION' ? 
x_improper_angle_d_prot ?     ? ? ? 'X-RAY DIFFRACTION' ? 
x_mcbond_it             ?     ? ? ? 'X-RAY DIFFRACTION' ? 
x_mcangle_it            ?     ? ? ? 'X-RAY DIFFRACTION' ? 
x_scbond_it             ?     ? ? ? 'X-RAY DIFFRACTION' ? 
x_scangle_it            ?     ? ? ? 'X-RAY DIFFRACTION' ? 
# 
_struct.entry_id                  2W9Q 
_struct.title                     'Crystal Structure of Potato Multicystatin-P212121' 
_struct.pdbx_model_details        ? 
_struct.pdbx_CASP_flag            ? 
_struct.pdbx_model_type_details   ? 
# 
_struct_keywords.entry_id        2W9Q 
_struct_keywords.pdbx_keywords   'HYDROLASE INHIBITOR' 
_struct_keywords.text            'PROTEASE INHIBITOR, THIOL PROTEASE INHIBITOR, HYDROLASE INHIBITOR' 
# 
loop_
_struct_asym.id 
_struct_asym.pdbx_blank_PDB_chainid_flag 
_struct_asym.pdbx_modified 
_struct_asym.entity_id 
_struct_asym.details 
A N N 1 ? 
B N N 2 ? 
# 
_struct_ref.id                         1 
_struct_ref.db_name                    UNP 
_struct_ref.db_code                    CYTM_SOLTU 
_struct_ref.entity_id                  1 
_struct_ref.pdbx_seq_one_letter_code   ? 
_struct_ref.pdbx_align_begin           ? 
_struct_ref.pdbx_db_accession          P37842 
_struct_ref.pdbx_db_isoform            ? 
# 
_struct_ref_seq.align_id                      1 
_struct_ref_seq.ref_id                        1 
_struct_ref_seq.pdbx_PDB_id_code              2W9Q 
_struct_ref_seq.pdbx_strand_id                A 
_struct_ref_seq.seq_align_beg                 1 
_struct_ref_seq.pdbx_seq_align_beg_ins_code   ? 
_struct_ref_seq.seq_align_end                 87 
_struct_ref_seq.pdbx_seq_align_end_ins_code   ? 
_struct_ref_seq.pdbx_db_accession             P37842 
_struct_ref_seq.db_align_beg                  100 
_struct_ref_seq.pdbx_db_align_beg_ins_code    ? 
_struct_ref_seq.db_align_end                  186 
_struct_ref_seq.pdbx_db_align_end_ins_code    ? 
_struct_ref_seq.pdbx_auth_seq_align_beg       4 
_struct_ref_seq.pdbx_auth_seq_align_end       90 
# 
_pdbx_struct_assembly.id                   1 
_pdbx_struct_assembly.details              author_and_software_defined_assembly 
_pdbx_struct_assembly.method_details       PISA 
_pdbx_struct_assembly.oligomeric_details   monomeric 
_pdbx_struct_assembly.oligomeric_count     1 
# 
_pdbx_struct_assembly_gen.assembly_id       1 
_pdbx_struct_assembly_gen.oper_expression   1 
_pdbx_struct_assembly_gen.asym_id_list      A,B 
# 
_pdbx_struct_oper_list.id                   1 
_pdbx_struct_oper_list.type                 'identity operation' 
_pdbx_struct_oper_list.name                 1_555 
_pdbx_struct_oper_list.symmetry_operation   x,y,z 
_pdbx_struct_oper_list.matrix[1][1]         1.0000000000 
_pdbx_struct_oper_list.matrix[1][2]         0.0000000000 
_pdbx_struct_oper_list.matrix[1][3]         0.0000000000 
_pdbx_struct_oper_list.vector[1]            0.0000000000 
_pdbx_struct_oper_list.matrix[2][1]         0.0000000000 
_pdbx_struct_oper_list.matrix[2][2]         1.0000000000 
_pdbx_struct_oper_list.matrix[2][3]         0.0000000000 
_pdbx_struct_oper_list.vector[2]            0.0000000000 
_pdbx_struct_oper_list.matrix[3][1]         0.0000000000 
_pdbx_struct_oper_list.matrix[3][2]         0.0000000000 
_pdbx_struct_oper_list.matrix[3][3]         1.0000000000 
_pdbx_struct_oper_list.vector[3]            0.0000000000 
# 
loop_
_struct_conf.conf_type_id 
_struct_conf.id 
_struct_conf.pdbx_PDB_helix_id 
_struct_conf.beg_label_comp_id 
_struct_conf.beg_label_asym_id 
_struct_conf.beg_label_seq_id 
_struct_conf.pdbx_beg_PDB_ins_code 
_struct_conf.end_label_comp_id 
_struct_conf.end_label_asym_id 
_struct_conf.end_label_seq_id 
_struct_conf.pdbx_end_PDB_ins_code 
_struct_conf.beg_auth_comp_id 
_struct_conf.beg_auth_asym_id 
_struct_conf.beg_auth_seq_id 
_struct_conf.end_auth_comp_id 
_struct_conf.end_auth_asym_id 
_struct_conf.end_auth_seq_id 
_struct_conf.pdbx_PDB_helix_class 
_struct_conf.details 
_struct_conf.pdbx_PDB_helix_length 
HELX_P HELX_P1 1 ASN A 10 ? ASN A 29 ? ASN A 13 ASN A 32 1 ? 20 
HELX_P HELX_P2 2 GLU A 74 ? ASP A 77 ? GLU A 77 ASP A 80 5 ? 4  
# 
_struct_conf_type.id          HELX_P 
_struct_conf_type.criteria    ? 
_struct_conf_type.reference   ? 
# 
_struct_sheet.id               AA 
_struct_sheet.type             ? 
_struct_sheet.number_strands   5 
_struct_sheet.details          ? 
# 
loop_
_struct_sheet_order.sheet_id 
_struct_sheet_order.range_id_1 
_struct_sheet_order.range_id_2 
_struct_sheet_order.offset 
_struct_sheet_order.sense 
AA 1 2 ? anti-parallel 
AA 2 3 ? anti-parallel 
AA 3 4 ? anti-parallel 
AA 4 5 ? anti-parallel 
# 
loop_
_struct_sheet_range.sheet_id 
_struct_sheet_range.id 
_struct_sheet_range.beg_label_comp_id 
_struct_sheet_range.beg_label_asym_id 
_struct_sheet_range.beg_label_seq_id 
_struct_sheet_range.pdbx_beg_PDB_ins_code 
_struct_sheet_range.end_label_comp_id 
_struct_sheet_range.end_label_asym_id 
_struct_sheet_range.end_label_seq_id 
_struct_sheet_range.pdbx_end_PDB_ins_code 
_struct_sheet_range.beg_auth_comp_id 
_struct_sheet_range.beg_auth_asym_id 
_struct_sheet_range.beg_auth_seq_id 
_struct_sheet_range.end_auth_comp_id 
_struct_sheet_range.end_auth_asym_id 
_struct_sheet_range.end_auth_seq_id 
AA 1 VAL A 3  ? ASN A 4  ? VAL A 6  ASN A 7  
AA 2 LEU A 32 ? VAL A 44 ? LEU A 35 VAL A 47 
AA 3 ILE A 48 ? ASP A 58 ? ILE A 51 ASP A 61 
AA 4 LYS A 62 ? LYS A 73 ? LYS A 65 LYS A 76 
AA 5 PHE A 78 ? LEU A 86 ? PHE A 81 LEU A 89 
# 
loop_
_pdbx_struct_sheet_hbond.sheet_id 
_pdbx_struct_sheet_hbond.range_id_1 
_pdbx_struct_sheet_hbond.range_id_2 
_pdbx_struct_sheet_hbond.range_1_label_atom_id 
_pdbx_struct_sheet_hbond.range_1_label_comp_id 
_pdbx_struct_sheet_hbond.range_1_label_asym_id 
_pdbx_struct_sheet_hbond.range_1_label_seq_id 
_pdbx_struct_sheet_hbond.range_1_PDB_ins_code 
_pdbx_struct_sheet_hbond.range_1_auth_atom_id 
_pdbx_struct_sheet_hbond.range_1_auth_comp_id 
_pdbx_struct_sheet_hbond.range_1_auth_asym_id 
_pdbx_struct_sheet_hbond.range_1_auth_seq_id 
_pdbx_struct_sheet_hbond.range_2_label_atom_id 
_pdbx_struct_sheet_hbond.range_2_label_comp_id 
_pdbx_struct_sheet_hbond.range_2_label_asym_id 
_pdbx_struct_sheet_hbond.range_2_label_seq_id 
_pdbx_struct_sheet_hbond.range_2_PDB_ins_code 
_pdbx_struct_sheet_hbond.range_2_auth_atom_id 
_pdbx_struct_sheet_hbond.range_2_auth_comp_id 
_pdbx_struct_sheet_hbond.range_2_auth_asym_id 
_pdbx_struct_sheet_hbond.range_2_auth_seq_id 
AA 1 2 N VAL A 3  ? N VAL A 6  O GLU A 42 ? O GLU A 45 
AA 2 3 N GLN A 43 ? N GLN A 46 O MET A 49 ? O MET A 52 
AA 3 4 N ASP A 58 ? N ASP A 61 O LYS A 62 ? O LYS A 65 
AA 4 5 N LYS A 73 ? N LYS A 76 O PHE A 78 ? O PHE A 81 
# 
_pdbx_validate_rmsd_bond.id                        1 
_pdbx_validate_rmsd_bond.PDB_model_num             1 
_pdbx_validate_rmsd_bond.auth_atom_id_1            NE2 
_pdbx_validate_rmsd_bond.auth_asym_id_1            A 
_pdbx_validate_rmsd_bond.auth_comp_id_1            HIS 
_pdbx_validate_rmsd_bond.auth_seq_id_1             34 
_pdbx_validate_rmsd_bond.PDB_ins_code_1            ? 
_pdbx_validate_rmsd_bond.label_alt_id_1            ? 
_pdbx_validate_rmsd_bond.auth_atom_id_2            CD2 
_pdbx_validate_rmsd_bond.auth_asym_id_2            A 
_pdbx_validate_rmsd_bond.auth_comp_id_2            HIS 
_pdbx_validate_rmsd_bond.auth_seq_id_2             34 
_pdbx_validate_rmsd_bond.PDB_ins_code_2            ? 
_pdbx_validate_rmsd_bond.label_alt_id_2            ? 
_pdbx_validate_rmsd_bond.bond_value                1.303 
_pdbx_validate_rmsd_bond.bond_target_value         1.373 
_pdbx_validate_rmsd_bond.bond_deviation            -0.070 
_pdbx_validate_rmsd_bond.bond_standard_deviation   0.011 
_pdbx_validate_rmsd_bond.linker_flag               N 
# 
loop_
_pdbx_validate_rmsd_angle.id 
_pdbx_validate_rmsd_angle.PDB_model_num 
_pdbx_validate_rmsd_angle.auth_atom_id_1 
_pdbx_validate_rmsd_angle.auth_asym_id_1 
_pdbx_validate_rmsd_angle.auth_comp_id_1 
_pdbx_validate_rmsd_angle.auth_seq_id_1 
_pdbx_validate_rmsd_angle.PDB_ins_code_1 
_pdbx_validate_rmsd_angle.label_alt_id_1 
_pdbx_validate_rmsd_angle.auth_atom_id_2 
_pdbx_validate_rmsd_angle.auth_asym_id_2 
_pdbx_validate_rmsd_angle.auth_comp_id_2 
_pdbx_validate_rmsd_angle.auth_seq_id_2 
_pdbx_validate_rmsd_angle.PDB_ins_code_2 
_pdbx_validate_rmsd_angle.label_alt_id_2 
_pdbx_validate_rmsd_angle.auth_atom_id_3 
_pdbx_validate_rmsd_angle.auth_asym_id_3 
_pdbx_validate_rmsd_angle.auth_comp_id_3 
_pdbx_validate_rmsd_angle.auth_seq_id_3 
_pdbx_validate_rmsd_angle.PDB_ins_code_3 
_pdbx_validate_rmsd_angle.label_alt_id_3 
_pdbx_validate_rmsd_angle.angle_value 
_pdbx_validate_rmsd_angle.angle_target_value 
_pdbx_validate_rmsd_angle.angle_deviation 
_pdbx_validate_rmsd_angle.angle_standard_deviation 
_pdbx_validate_rmsd_angle.linker_flag 
1 1 CB  A VAL 48 ? ? CA  A VAL 48 ? ? C   A VAL 48 ? ? 123.44 111.40 12.04  1.90 N 
2 1 N   A VAL 48 ? ? CA  A VAL 48 ? ? CB  A VAL 48 ? ? 96.53  111.50 -14.97 2.20 N 
3 1 CA  A LEU 57 ? ? CB  A LEU 57 ? ? CG  A LEU 57 ? ? 133.30 115.30 18.00  2.30 N 
4 1 N   A ASP 62 ? ? CA  A ASP 62 ? ? C   A ASP 62 ? ? 127.75 111.00 16.75  2.70 N 
5 1 CA  A ASP 62 ? ? C   A ASP 62 ? ? N   A ALA 63 ? ? 82.25  117.20 -34.95 2.20 Y 
6 1 CD1 A TRP 74 ? ? CG  A TRP 74 ? ? CD2 A TRP 74 ? ? 112.61 106.30 6.31   0.80 N 
7 1 CE2 A TRP 74 ? ? CD2 A TRP 74 ? ? CG  A TRP 74 ? ? 101.17 107.30 -6.13  0.80 N 
8 1 CD1 A TRP 78 ? ? CG  A TRP 78 ? ? CD2 A TRP 78 ? ? 112.27 106.30 5.97   0.80 N 
9 1 CE2 A TRP 78 ? ? CD2 A TRP 78 ? ? CG  A TRP 78 ? ? 101.50 107.30 -5.80  0.80 N 
# 
loop_
_pdbx_validate_torsion.id 
_pdbx_validate_torsion.PDB_model_num 
_pdbx_validate_torsion.auth_comp_id 
_pdbx_validate_torsion.auth_asym_id 
_pdbx_validate_torsion.auth_seq_id 
_pdbx_validate_torsion.PDB_ins_code 
_pdbx_validate_torsion.label_alt_id 
_pdbx_validate_torsion.phi 
_pdbx_validate_torsion.psi 
1 1 VAL A 48 ? ? -132.31 -132.40 
2 1 ASP A 62 ? ? -43.65  80.35   
3 1 ALA A 63 ? ? -173.34 -0.87   
4 1 ASP A 80 ? ? 29.45   66.19   
# 
_pdbx_validate_main_chain_plane.id                       1 
_pdbx_validate_main_chain_plane.PDB_model_num            1 
_pdbx_validate_main_chain_plane.auth_comp_id             ASP 
_pdbx_validate_main_chain_plane.auth_asym_id             A 
_pdbx_validate_main_chain_plane.auth_seq_id              62 
_pdbx_validate_main_chain_plane.PDB_ins_code             ? 
_pdbx_validate_main_chain_plane.label_alt_id             ? 
_pdbx_validate_main_chain_plane.improper_torsion_angle   -15.66 
# 
loop_
_pdbx_distant_solvent_atoms.id 
_pdbx_distant_solvent_atoms.PDB_model_num 
_pdbx_distant_solvent_atoms.auth_atom_id 
_pdbx_distant_solvent_atoms.label_alt_id 
_pdbx_distant_solvent_atoms.auth_asym_id 
_pdbx_distant_solvent_atoms.auth_comp_id 
_pdbx_distant_solvent_atoms.auth_seq_id 
_pdbx_distant_solvent_atoms.PDB_ins_code 
_pdbx_distant_solvent_atoms.neighbor_macromolecule_distance 
_pdbx_distant_solvent_atoms.neighbor_ligand_distance 
1 1 O ? A HOH 2030 ? 6.66 . 
2 1 O ? A HOH 2038 ? 6.52 . 
# 
loop_
_chem_comp_atom.comp_id 
_chem_comp_atom.atom_id 
_chem_comp_atom.type_symbol 
_chem_comp_atom.pdbx_aromatic_flag 
_chem_comp_atom.pdbx_stereo_config 
_chem_comp_atom.pdbx_ordinal 
ALA N    N N N 1   
ALA CA   C N S 2   
ALA C    C N N 3   
ALA O    O N N 4   
ALA CB   C N N 5   
ALA OXT  O N N 6   
ALA H    H N N 7   
ALA H2   H N N 8   
ALA HA   H N N 9   
ALA HB1  H N N 10  
ALA HB2  H N N 11  
ALA HB3  H N N 12  
ALA HXT  H N N 13  
ARG N    N N N 14  
ARG CA   C N S 15  
ARG C    C N N 16  
ARG O    O N N 17  
ARG CB   C N N 18  
ARG CG   C N N 19  
ARG CD   C N N 20  
ARG NE   N N N 21  
ARG CZ   C N N 22  
ARG NH1  N N N 23  
ARG NH2  N N N 24  
ARG OXT  O N N 25  
ARG H    H N N 26  
ARG H2   H N N 27  
ARG HA   H N N 28  
ARG HB2  H N N 29  
ARG HB3  H N N 30  
ARG HG2  H N N 31  
ARG HG3  H N N 32  
ARG HD2  H N N 33  
ARG HD3  H N N 34  
ARG HE   H N N 35  
ARG HH11 H N N 36  
ARG HH12 H N N 37  
ARG HH21 H N N 38  
ARG HH22 H N N 39  
ARG HXT  H N N 40  
ASN N    N N N 41  
ASN CA   C N S 42  
ASN C    C N N 43  
ASN O    O N N 44  
ASN CB   C N N 45  
ASN CG   C N N 46  
ASN OD1  O N N 47  
ASN ND2  N N N 48  
ASN OXT  O N N 49  
ASN H    H N N 50  
ASN H2   H N N 51  
ASN HA   H N N 52  
ASN HB2  H N N 53  
ASN HB3  H N N 54  
ASN HD21 H N N 55  
ASN HD22 H N N 56  
ASN HXT  H N N 57  
ASP N    N N N 58  
ASP CA   C N S 59  
ASP C    C N N 60  
ASP O    O N N 61  
ASP CB   C N N 62  
ASP CG   C N N 63  
ASP OD1  O N N 64  
ASP OD2  O N N 65  
ASP OXT  O N N 66  
ASP H    H N N 67  
ASP H2   H N N 68  
ASP HA   H N N 69  
ASP HB2  H N N 70  
ASP HB3  H N N 71  
ASP HD2  H N N 72  
ASP HXT  H N N 73  
GLN N    N N N 74  
GLN CA   C N S 75  
GLN C    C N N 76  
GLN O    O N N 77  
GLN CB   C N N 78  
GLN CG   C N N 79  
GLN CD   C N N 80  
GLN OE1  O N N 81  
GLN NE2  N N N 82  
GLN OXT  O N N 83  
GLN H    H N N 84  
GLN H2   H N N 85  
GLN HA   H N N 86  
GLN HB2  H N N 87  
GLN HB3  H N N 88  
GLN HG2  H N N 89  
GLN HG3  H N N 90  
GLN HE21 H N N 91  
GLN HE22 H N N 92  
GLN HXT  H N N 93  
GLU N    N N N 94  
GLU CA   C N S 95  
GLU C    C N N 96  
GLU O    O N N 97  
GLU CB   C N N 98  
GLU CG   C N N 99  
GLU CD   C N N 100 
GLU OE1  O N N 101 
GLU OE2  O N N 102 
GLU OXT  O N N 103 
GLU H    H N N 104 
GLU H2   H N N 105 
GLU HA   H N N 106 
GLU HB2  H N N 107 
GLU HB3  H N N 108 
GLU HG2  H N N 109 
GLU HG3  H N N 110 
GLU HE2  H N N 111 
GLU HXT  H N N 112 
GLY N    N N N 113 
GLY CA   C N N 114 
GLY C    C N N 115 
GLY O    O N N 116 
GLY OXT  O N N 117 
GLY H    H N N 118 
GLY H2   H N N 119 
GLY HA2  H N N 120 
GLY HA3  H N N 121 
GLY HXT  H N N 122 
HIS N    N N N 123 
HIS CA   C N S 124 
HIS C    C N N 125 
HIS O    O N N 126 
HIS CB   C N N 127 
HIS CG   C Y N 128 
HIS ND1  N Y N 129 
HIS CD2  C Y N 130 
HIS CE1  C Y N 131 
HIS NE2  N Y N 132 
HIS OXT  O N N 133 
HIS H    H N N 134 
HIS H2   H N N 135 
HIS HA   H N N 136 
HIS HB2  H N N 137 
HIS HB3  H N N 138 
HIS HD1  H N N 139 
HIS HD2  H N N 140 
HIS HE1  H N N 141 
HIS HE2  H N N 142 
HIS HXT  H N N 143 
HOH O    O N N 144 
HOH H1   H N N 145 
HOH H2   H N N 146 
ILE N    N N N 147 
ILE CA   C N S 148 
ILE C    C N N 149 
ILE O    O N N 150 
ILE CB   C N S 151 
ILE CG1  C N N 152 
ILE CG2  C N N 153 
ILE CD1  C N N 154 
ILE OXT  O N N 155 
ILE H    H N N 156 
ILE H2   H N N 157 
ILE HA   H N N 158 
ILE HB   H N N 159 
ILE HG12 H N N 160 
ILE HG13 H N N 161 
ILE HG21 H N N 162 
ILE HG22 H N N 163 
ILE HG23 H N N 164 
ILE HD11 H N N 165 
ILE HD12 H N N 166 
ILE HD13 H N N 167 
ILE HXT  H N N 168 
LEU N    N N N 169 
LEU CA   C N S 170 
LEU C    C N N 171 
LEU O    O N N 172 
LEU CB   C N N 173 
LEU CG   C N N 174 
LEU CD1  C N N 175 
LEU CD2  C N N 176 
LEU OXT  O N N 177 
LEU H    H N N 178 
LEU H2   H N N 179 
LEU HA   H N N 180 
LEU HB2  H N N 181 
LEU HB3  H N N 182 
LEU HG   H N N 183 
LEU HD11 H N N 184 
LEU HD12 H N N 185 
LEU HD13 H N N 186 
LEU HD21 H N N 187 
LEU HD22 H N N 188 
LEU HD23 H N N 189 
LEU HXT  H N N 190 
LYS N    N N N 191 
LYS CA   C N S 192 
LYS C    C N N 193 
LYS O    O N N 194 
LYS CB   C N N 195 
LYS CG   C N N 196 
LYS CD   C N N 197 
LYS CE   C N N 198 
LYS NZ   N N N 199 
LYS OXT  O N N 200 
LYS H    H N N 201 
LYS H2   H N N 202 
LYS HA   H N N 203 
LYS HB2  H N N 204 
LYS HB3  H N N 205 
LYS HG2  H N N 206 
LYS HG3  H N N 207 
LYS HD2  H N N 208 
LYS HD3  H N N 209 
LYS HE2  H N N 210 
LYS HE3  H N N 211 
LYS HZ1  H N N 212 
LYS HZ2  H N N 213 
LYS HZ3  H N N 214 
LYS HXT  H N N 215 
MET N    N N N 216 
MET CA   C N S 217 
MET C    C N N 218 
MET O    O N N 219 
MET CB   C N N 220 
MET CG   C N N 221 
MET SD   S N N 222 
MET CE   C N N 223 
MET OXT  O N N 224 
MET H    H N N 225 
MET H2   H N N 226 
MET HA   H N N 227 
MET HB2  H N N 228 
MET HB3  H N N 229 
MET HG2  H N N 230 
MET HG3  H N N 231 
MET HE1  H N N 232 
MET HE2  H N N 233 
MET HE3  H N N 234 
MET HXT  H N N 235 
PHE N    N N N 236 
PHE CA   C N S 237 
PHE C    C N N 238 
PHE O    O N N 239 
PHE CB   C N N 240 
PHE CG   C Y N 241 
PHE CD1  C Y N 242 
PHE CD2  C Y N 243 
PHE CE1  C Y N 244 
PHE CE2  C Y N 245 
PHE CZ   C Y N 246 
PHE OXT  O N N 247 
PHE H    H N N 248 
PHE H2   H N N 249 
PHE HA   H N N 250 
PHE HB2  H N N 251 
PHE HB3  H N N 252 
PHE HD1  H N N 253 
PHE HD2  H N N 254 
PHE HE1  H N N 255 
PHE HE2  H N N 256 
PHE HZ   H N N 257 
PHE HXT  H N N 258 
PRO N    N N N 259 
PRO CA   C N S 260 
PRO C    C N N 261 
PRO O    O N N 262 
PRO CB   C N N 263 
PRO CG   C N N 264 
PRO CD   C N N 265 
PRO OXT  O N N 266 
PRO H    H N N 267 
PRO HA   H N N 268 
PRO HB2  H N N 269 
PRO HB3  H N N 270 
PRO HG2  H N N 271 
PRO HG3  H N N 272 
PRO HD2  H N N 273 
PRO HD3  H N N 274 
PRO HXT  H N N 275 
THR N    N N N 276 
THR CA   C N S 277 
THR C    C N N 278 
THR O    O N N 279 
THR CB   C N R 280 
THR OG1  O N N 281 
THR CG2  C N N 282 
THR OXT  O N N 283 
THR H    H N N 284 
THR H2   H N N 285 
THR HA   H N N 286 
THR HB   H N N 287 
THR HG1  H N N 288 
THR HG21 H N N 289 
THR HG22 H N N 290 
THR HG23 H N N 291 
THR HXT  H N N 292 
TRP N    N N N 293 
TRP CA   C N S 294 
TRP C    C N N 295 
TRP O    O N N 296 
TRP CB   C N N 297 
TRP CG   C Y N 298 
TRP CD1  C Y N 299 
TRP CD2  C Y N 300 
TRP NE1  N Y N 301 
TRP CE2  C Y N 302 
TRP CE3  C Y N 303 
TRP CZ2  C Y N 304 
TRP CZ3  C Y N 305 
TRP CH2  C Y N 306 
TRP OXT  O N N 307 
TRP H    H N N 308 
TRP H2   H N N 309 
TRP HA   H N N 310 
TRP HB2  H N N 311 
TRP HB3  H N N 312 
TRP HD1  H N N 313 
TRP HE1  H N N 314 
TRP HE3  H N N 315 
TRP HZ2  H N N 316 
TRP HZ3  H N N 317 
TRP HH2  H N N 318 
TRP HXT  H N N 319 
TYR N    N N N 320 
TYR CA   C N S 321 
TYR C    C N N 322 
TYR O    O N N 323 
TYR CB   C N N 324 
TYR CG   C Y N 325 
TYR CD1  C Y N 326 
TYR CD2  C Y N 327 
TYR CE1  C Y N 328 
TYR CE2  C Y N 329 
TYR CZ   C Y N 330 
TYR OH   O N N 331 
TYR OXT  O N N 332 
TYR H    H N N 333 
TYR H2   H N N 334 
TYR HA   H N N 335 
TYR HB2  H N N 336 
TYR HB3  H N N 337 
TYR HD1  H N N 338 
TYR HD2  H N N 339 
TYR HE1  H N N 340 
TYR HE2  H N N 341 
TYR HH   H N N 342 
TYR HXT  H N N 343 
VAL N    N N N 344 
VAL CA   C N S 345 
VAL C    C N N 346 
VAL O    O N N 347 
VAL CB   C N N 348 
VAL CG1  C N N 349 
VAL CG2  C N N 350 
VAL OXT  O N N 351 
VAL H    H N N 352 
VAL H2   H N N 353 
VAL HA   H N N 354 
VAL HB   H N N 355 
VAL HG11 H N N 356 
VAL HG12 H N N 357 
VAL HG13 H N N 358 
VAL HG21 H N N 359 
VAL HG22 H N N 360 
VAL HG23 H N N 361 
VAL HXT  H N N 362 
# 
loop_
_chem_comp_bond.comp_id 
_chem_comp_bond.atom_id_1 
_chem_comp_bond.atom_id_2 
_chem_comp_bond.value_order 
_chem_comp_bond.pdbx_aromatic_flag 
_chem_comp_bond.pdbx_stereo_config 
_chem_comp_bond.pdbx_ordinal 
ALA N   CA   sing N N 1   
ALA N   H    sing N N 2   
ALA N   H2   sing N N 3   
ALA CA  C    sing N N 4   
ALA CA  CB   sing N N 5   
ALA CA  HA   sing N N 6   
ALA C   O    doub N N 7   
ALA C   OXT  sing N N 8   
ALA CB  HB1  sing N N 9   
ALA CB  HB2  sing N N 10  
ALA CB  HB3  sing N N 11  
ALA OXT HXT  sing N N 12  
ARG N   CA   sing N N 13  
ARG N   H    sing N N 14  
ARG N   H2   sing N N 15  
ARG CA  C    sing N N 16  
ARG CA  CB   sing N N 17  
ARG CA  HA   sing N N 18  
ARG C   O    doub N N 19  
ARG C   OXT  sing N N 20  
ARG CB  CG   sing N N 21  
ARG CB  HB2  sing N N 22  
ARG CB  HB3  sing N N 23  
ARG CG  CD   sing N N 24  
ARG CG  HG2  sing N N 25  
ARG CG  HG3  sing N N 26  
ARG CD  NE   sing N N 27  
ARG CD  HD2  sing N N 28  
ARG CD  HD3  sing N N 29  
ARG NE  CZ   sing N N 30  
ARG NE  HE   sing N N 31  
ARG CZ  NH1  sing N N 32  
ARG CZ  NH2  doub N N 33  
ARG NH1 HH11 sing N N 34  
ARG NH1 HH12 sing N N 35  
ARG NH2 HH21 sing N N 36  
ARG NH2 HH22 sing N N 37  
ARG OXT HXT  sing N N 38  
ASN N   CA   sing N N 39  
ASN N   H    sing N N 40  
ASN N   H2   sing N N 41  
ASN CA  C    sing N N 42  
ASN CA  CB   sing N N 43  
ASN CA  HA   sing N N 44  
ASN C   O    doub N N 45  
ASN C   OXT  sing N N 46  
ASN CB  CG   sing N N 47  
ASN CB  HB2  sing N N 48  
ASN CB  HB3  sing N N 49  
ASN CG  OD1  doub N N 50  
ASN CG  ND2  sing N N 51  
ASN ND2 HD21 sing N N 52  
ASN ND2 HD22 sing N N 53  
ASN OXT HXT  sing N N 54  
ASP N   CA   sing N N 55  
ASP N   H    sing N N 56  
ASP N   H2   sing N N 57  
ASP CA  C    sing N N 58  
ASP CA  CB   sing N N 59  
ASP CA  HA   sing N N 60  
ASP C   O    doub N N 61  
ASP C   OXT  sing N N 62  
ASP CB  CG   sing N N 63  
ASP CB  HB2  sing N N 64  
ASP CB  HB3  sing N N 65  
ASP CG  OD1  doub N N 66  
ASP CG  OD2  sing N N 67  
ASP OD2 HD2  sing N N 68  
ASP OXT HXT  sing N N 69  
GLN N   CA   sing N N 70  
GLN N   H    sing N N 71  
GLN N   H2   sing N N 72  
GLN CA  C    sing N N 73  
GLN CA  CB   sing N N 74  
GLN CA  HA   sing N N 75  
GLN C   O    doub N N 76  
GLN C   OXT  sing N N 77  
GLN CB  CG   sing N N 78  
GLN CB  HB2  sing N N 79  
GLN CB  HB3  sing N N 80  
GLN CG  CD   sing N N 81  
GLN CG  HG2  sing N N 82  
GLN CG  HG3  sing N N 83  
GLN CD  OE1  doub N N 84  
GLN CD  NE2  sing N N 85  
GLN NE2 HE21 sing N N 86  
GLN NE2 HE22 sing N N 87  
GLN OXT HXT  sing N N 88  
GLU N   CA   sing N N 89  
GLU N   H    sing N N 90  
GLU N   H2   sing N N 91  
GLU CA  C    sing N N 92  
GLU CA  CB   sing N N 93  
GLU CA  HA   sing N N 94  
GLU C   O    doub N N 95  
GLU C   OXT  sing N N 96  
GLU CB  CG   sing N N 97  
GLU CB  HB2  sing N N 98  
GLU CB  HB3  sing N N 99  
GLU CG  CD   sing N N 100 
GLU CG  HG2  sing N N 101 
GLU CG  HG3  sing N N 102 
GLU CD  OE1  doub N N 103 
GLU CD  OE2  sing N N 104 
GLU OE2 HE2  sing N N 105 
GLU OXT HXT  sing N N 106 
GLY N   CA   sing N N 107 
GLY N   H    sing N N 108 
GLY N   H2   sing N N 109 
GLY CA  C    sing N N 110 
GLY CA  HA2  sing N N 111 
GLY CA  HA3  sing N N 112 
GLY C   O    doub N N 113 
GLY C   OXT  sing N N 114 
GLY OXT HXT  sing N N 115 
HIS N   CA   sing N N 116 
HIS N   H    sing N N 117 
HIS N   H2   sing N N 118 
HIS CA  C    sing N N 119 
HIS CA  CB   sing N N 120 
HIS CA  HA   sing N N 121 
HIS C   O    doub N N 122 
HIS C   OXT  sing N N 123 
HIS CB  CG   sing N N 124 
HIS CB  HB2  sing N N 125 
HIS CB  HB3  sing N N 126 
HIS CG  ND1  sing Y N 127 
HIS CG  CD2  doub Y N 128 
HIS ND1 CE1  doub Y N 129 
HIS ND1 HD1  sing N N 130 
HIS CD2 NE2  sing Y N 131 
HIS CD2 HD2  sing N N 132 
HIS CE1 NE2  sing Y N 133 
HIS CE1 HE1  sing N N 134 
HIS NE2 HE2  sing N N 135 
HIS OXT HXT  sing N N 136 
HOH O   H1   sing N N 137 
HOH O   H2   sing N N 138 
ILE N   CA   sing N N 139 
ILE N   H    sing N N 140 
ILE N   H2   sing N N 141 
ILE CA  C    sing N N 142 
ILE CA  CB   sing N N 143 
ILE CA  HA   sing N N 144 
ILE C   O    doub N N 145 
ILE C   OXT  sing N N 146 
ILE CB  CG1  sing N N 147 
ILE CB  CG2  sing N N 148 
ILE CB  HB   sing N N 149 
ILE CG1 CD1  sing N N 150 
ILE CG1 HG12 sing N N 151 
ILE CG1 HG13 sing N N 152 
ILE CG2 HG21 sing N N 153 
ILE CG2 HG22 sing N N 154 
ILE CG2 HG23 sing N N 155 
ILE CD1 HD11 sing N N 156 
ILE CD1 HD12 sing N N 157 
ILE CD1 HD13 sing N N 158 
ILE OXT HXT  sing N N 159 
LEU N   CA   sing N N 160 
LEU N   H    sing N N 161 
LEU N   H2   sing N N 162 
LEU CA  C    sing N N 163 
LEU CA  CB   sing N N 164 
LEU CA  HA   sing N N 165 
LEU C   O    doub N N 166 
LEU C   OXT  sing N N 167 
LEU CB  CG   sing N N 168 
LEU CB  HB2  sing N N 169 
LEU CB  HB3  sing N N 170 
LEU CG  CD1  sing N N 171 
LEU CG  CD2  sing N N 172 
LEU CG  HG   sing N N 173 
LEU CD1 HD11 sing N N 174 
LEU CD1 HD12 sing N N 175 
LEU CD1 HD13 sing N N 176 
LEU CD2 HD21 sing N N 177 
LEU CD2 HD22 sing N N 178 
LEU CD2 HD23 sing N N 179 
LEU OXT HXT  sing N N 180 
LYS N   CA   sing N N 181 
LYS N   H    sing N N 182 
LYS N   H2   sing N N 183 
LYS CA  C    sing N N 184 
LYS CA  CB   sing N N 185 
LYS CA  HA   sing N N 186 
LYS C   O    doub N N 187 
LYS C   OXT  sing N N 188 
LYS CB  CG   sing N N 189 
LYS CB  HB2  sing N N 190 
LYS CB  HB3  sing N N 191 
LYS CG  CD   sing N N 192 
LYS CG  HG2  sing N N 193 
LYS CG  HG3  sing N N 194 
LYS CD  CE   sing N N 195 
LYS CD  HD2  sing N N 196 
LYS CD  HD3  sing N N 197 
LYS CE  NZ   sing N N 198 
LYS CE  HE2  sing N N 199 
LYS CE  HE3  sing N N 200 
LYS NZ  HZ1  sing N N 201 
LYS NZ  HZ2  sing N N 202 
LYS NZ  HZ3  sing N N 203 
LYS OXT HXT  sing N N 204 
MET N   CA   sing N N 205 
MET N   H    sing N N 206 
MET N   H2   sing N N 207 
MET CA  C    sing N N 208 
MET CA  CB   sing N N 209 
MET CA  HA   sing N N 210 
MET C   O    doub N N 211 
MET C   OXT  sing N N 212 
MET CB  CG   sing N N 213 
MET CB  HB2  sing N N 214 
MET CB  HB3  sing N N 215 
MET CG  SD   sing N N 216 
MET CG  HG2  sing N N 217 
MET CG  HG3  sing N N 218 
MET SD  CE   sing N N 219 
MET CE  HE1  sing N N 220 
MET CE  HE2  sing N N 221 
MET CE  HE3  sing N N 222 
MET OXT HXT  sing N N 223 
PHE N   CA   sing N N 224 
PHE N   H    sing N N 225 
PHE N   H2   sing N N 226 
PHE CA  C    sing N N 227 
PHE CA  CB   sing N N 228 
PHE CA  HA   sing N N 229 
PHE C   O    doub N N 230 
PHE C   OXT  sing N N 231 
PHE CB  CG   sing N N 232 
PHE CB  HB2  sing N N 233 
PHE CB  HB3  sing N N 234 
PHE CG  CD1  doub Y N 235 
PHE CG  CD2  sing Y N 236 
PHE CD1 CE1  sing Y N 237 
PHE CD1 HD1  sing N N 238 
PHE CD2 CE2  doub Y N 239 
PHE CD2 HD2  sing N N 240 
PHE CE1 CZ   doub Y N 241 
PHE CE1 HE1  sing N N 242 
PHE CE2 CZ   sing Y N 243 
PHE CE2 HE2  sing N N 244 
PHE CZ  HZ   sing N N 245 
PHE OXT HXT  sing N N 246 
PRO N   CA   sing N N 247 
PRO N   CD   sing N N 248 
PRO N   H    sing N N 249 
PRO CA  C    sing N N 250 
PRO CA  CB   sing N N 251 
PRO CA  HA   sing N N 252 
PRO C   O    doub N N 253 
PRO C   OXT  sing N N 254 
PRO CB  CG   sing N N 255 
PRO CB  HB2  sing N N 256 
PRO CB  HB3  sing N N 257 
PRO CG  CD   sing N N 258 
PRO CG  HG2  sing N N 259 
PRO CG  HG3  sing N N 260 
PRO CD  HD2  sing N N 261 
PRO CD  HD3  sing N N 262 
PRO OXT HXT  sing N N 263 
THR N   CA   sing N N 264 
THR N   H    sing N N 265 
THR N   H2   sing N N 266 
THR CA  C    sing N N 267 
THR CA  CB   sing N N 268 
THR CA  HA   sing N N 269 
THR C   O    doub N N 270 
THR C   OXT  sing N N 271 
THR CB  OG1  sing N N 272 
THR CB  CG2  sing N N 273 
THR CB  HB   sing N N 274 
THR OG1 HG1  sing N N 275 
THR CG2 HG21 sing N N 276 
THR CG2 HG22 sing N N 277 
THR CG2 HG23 sing N N 278 
THR OXT HXT  sing N N 279 
TRP N   CA   sing N N 280 
TRP N   H    sing N N 281 
TRP N   H2   sing N N 282 
TRP CA  C    sing N N 283 
TRP CA  CB   sing N N 284 
TRP CA  HA   sing N N 285 
TRP C   O    doub N N 286 
TRP C   OXT  sing N N 287 
TRP CB  CG   sing N N 288 
TRP CB  HB2  sing N N 289 
TRP CB  HB3  sing N N 290 
TRP CG  CD1  doub Y N 291 
TRP CG  CD2  sing Y N 292 
TRP CD1 NE1  sing Y N 293 
TRP CD1 HD1  sing N N 294 
TRP CD2 CE2  doub Y N 295 
TRP CD2 CE3  sing Y N 296 
TRP NE1 CE2  sing Y N 297 
TRP NE1 HE1  sing N N 298 
TRP CE2 CZ2  sing Y N 299 
TRP CE3 CZ3  doub Y N 300 
TRP CE3 HE3  sing N N 301 
TRP CZ2 CH2  doub Y N 302 
TRP CZ2 HZ2  sing N N 303 
TRP CZ3 CH2  sing Y N 304 
TRP CZ3 HZ3  sing N N 305 
TRP CH2 HH2  sing N N 306 
TRP OXT HXT  sing N N 307 
TYR N   CA   sing N N 308 
TYR N   H    sing N N 309 
TYR N   H2   sing N N 310 
TYR CA  C    sing N N 311 
TYR CA  CB   sing N N 312 
TYR CA  HA   sing N N 313 
TYR C   O    doub N N 314 
TYR C   OXT  sing N N 315 
TYR CB  CG   sing N N 316 
TYR CB  HB2  sing N N 317 
TYR CB  HB3  sing N N 318 
TYR CG  CD1  doub Y N 319 
TYR CG  CD2  sing Y N 320 
TYR CD1 CE1  sing Y N 321 
TYR CD1 HD1  sing N N 322 
TYR CD2 CE2  doub Y N 323 
TYR CD2 HD2  sing N N 324 
TYR CE1 CZ   doub Y N 325 
TYR CE1 HE1  sing N N 326 
TYR CE2 CZ   sing Y N 327 
TYR CE2 HE2  sing N N 328 
TYR CZ  OH   sing N N 329 
TYR OH  HH   sing N N 330 
TYR OXT HXT  sing N N 331 
VAL N   CA   sing N N 332 
VAL N   H    sing N N 333 
VAL N   H2   sing N N 334 
VAL CA  C    sing N N 335 
VAL CA  CB   sing N N 336 
VAL CA  HA   sing N N 337 
VAL C   O    doub N N 338 
VAL C   OXT  sing N N 339 
VAL CB  CG1  sing N N 340 
VAL CB  CG2  sing N N 341 
VAL CB  HB   sing N N 342 
VAL CG1 HG11 sing N N 343 
VAL CG1 HG12 sing N N 344 
VAL CG1 HG13 sing N N 345 
VAL CG2 HG21 sing N N 346 
VAL CG2 HG22 sing N N 347 
VAL CG2 HG23 sing N N 348 
VAL OXT HXT  sing N N 349 
# 
_atom_sites.entry_id                    2W9Q 
_atom_sites.fract_transf_matrix[1][1]   0.02558577 
_atom_sites.fract_transf_matrix[1][2]   0.02976420 
_atom_sites.fract_transf_matrix[1][3]   0.00146407 
_atom_sites.fract_transf_matrix[2][1]   0.00460307 
_atom_sites.fract_transf_matrix[2][2]   -0.00309706 
_atom_sites.fract_transf_matrix[2][3]   -0.01747967 
_atom_sites.fract_transf_matrix[3][1]   -0.00904592 
_atom_sites.fract_transf_matrix[3][2]   0.00796259 
_atom_sites.fract_transf_matrix[3][3]   -0.00379296 
_atom_sites.fract_transf_vector[1]      0.438607 
_atom_sites.fract_transf_vector[2]      0.237192 
_atom_sites.fract_transf_vector[3]      0.166027 
# 
loop_
_atom_type.symbol 
C 
N 
O 
S 
# 
loop_
_atom_site.group_PDB 
_atom_site.id 
_atom_site.type_symbol 
_atom_site.label_atom_id 
_atom_site.label_alt_id 
_atom_site.label_comp_id 
_atom_site.label_asym_id 
_atom_site.label_entity_id 
_atom_site.label_seq_id 
_atom_site.pdbx_PDB_ins_code 
_atom_site.Cartn_x 
_atom_site.Cartn_y 
_atom_site.Cartn_z 
_atom_site.occupancy 
_atom_site.B_iso_or_equiv 
_atom_site.pdbx_formal_charge 
_atom_site.auth_seq_id 
_atom_site.auth_comp_id 
_atom_site.auth_asym_id 
_atom_site.auth_atom_id 
_atom_site.pdbx_PDB_model_num 
ATOM   1   N N   . GLY A 1 1  ? -15.975 9.398   0.093   1.00 36.85 ? 4    GLY A N   1 
ATOM   2   C CA  . GLY A 1 1  ? -15.142 10.250  -0.742  1.00 35.02 ? 4    GLY A CA  1 
ATOM   3   C C   . GLY A 1 1  ? -13.639 9.951   -0.662  1.00 32.97 ? 4    GLY A C   1 
ATOM   4   O O   . GLY A 1 1  ? -13.034 9.936   0.416   1.00 37.34 ? 4    GLY A O   1 
ATOM   5   N N   . ILE A 1 2  ? -13.009 9.709   -1.815  1.00 29.15 ? 5    ILE A N   1 
ATOM   6   C CA  . ILE A 1 2  ? -11.579 9.507   -1.850  1.00 26.03 ? 5    ILE A CA  1 
ATOM   7   C C   . ILE A 1 2  ? -10.987 10.855  -2.287  1.00 23.04 ? 5    ILE A C   1 
ATOM   8   O O   . ILE A 1 2  ? -11.519 11.521  -3.181  1.00 23.31 ? 5    ILE A O   1 
ATOM   9   C CB  . ILE A 1 2  ? -11.203 8.381   -2.859  1.00 25.90 ? 5    ILE A CB  1 
ATOM   10  C CG1 . ILE A 1 2  ? -12.210 7.231   -2.984  1.00 29.80 ? 5    ILE A CG1 1 
ATOM   11  C CG2 . ILE A 1 2  ? -9.973  7.736   -2.283  1.00 25.95 ? 5    ILE A CG2 1 
ATOM   12  C CD1 . ILE A 1 2  ? -11.961 6.295   -4.207  1.00 28.72 ? 5    ILE A CD1 1 
ATOM   13  N N   . VAL A 1 3  ? -9.927  11.306  -1.600  1.00 20.60 ? 6    VAL A N   1 
ATOM   14  C CA  . VAL A 1 3  ? -9.162  12.523  -1.912  1.00 17.61 ? 6    VAL A CA  1 
ATOM   15  C C   . VAL A 1 3  ? -7.668  12.232  -1.914  1.00 16.27 ? 6    VAL A C   1 
ATOM   16  O O   . VAL A 1 3  ? -7.149  11.352  -1.218  1.00 16.29 ? 6    VAL A O   1 
ATOM   17  C CB  . VAL A 1 3  ? -9.341  13.706  -0.907  1.00 19.00 ? 6    VAL A CB  1 
ATOM   18  C CG1 . VAL A 1 3  ? -10.683 14.357  -1.113  1.00 21.10 ? 6    VAL A CG1 1 
ATOM   19  C CG2 . VAL A 1 3  ? -9.286  13.224  0.528   1.00 21.05 ? 6    VAL A CG2 1 
ATOM   20  N N   . ASN A 1 4  ? -6.989  13.065  -2.703  1.00 14.65 ? 7    ASN A N   1 
ATOM   21  C CA  . ASN A 1 4  ? -5.572  12.977  -2.942  1.00 13.82 ? 7    ASN A CA  1 
ATOM   22  C C   . ASN A 1 4  ? -4.785  13.383  -1.725  1.00 14.56 ? 7    ASN A C   1 
ATOM   23  O O   . ASN A 1 4  ? -5.153  14.308  -1.004  1.00 17.11 ? 7    ASN A O   1 
ATOM   24  C CB  . ASN A 1 4  ? -5.186  13.878  -4.104  1.00 14.37 ? 7    ASN A CB  1 
ATOM   25  C CG  . ASN A 1 4  ? -3.776  13.583  -4.593  1.00 22.77 ? 7    ASN A CG  1 
ATOM   26  O OD1 . ASN A 1 4  ? -2.837  14.387  -4.499  1.00 27.73 ? 7    ASN A OD1 1 
ATOM   27  N ND2 . ASN A 1 4  ? -3.618  12.363  -5.115  1.00 25.77 ? 7    ASN A ND2 1 
ATOM   28  N N   . VAL A 1 5  ? -3.721  12.620  -1.487  1.00 14.50 ? 8    VAL A N   1 
ATOM   29  C CA  . VAL A 1 5  ? -2.734  12.901  -0.462  1.00 13.18 ? 8    VAL A CA  1 
ATOM   30  C C   . VAL A 1 5  ? -1.635  13.649  -1.232  1.00 15.69 ? 8    VAL A C   1 
ATOM   31  O O   . VAL A 1 5  ? -1.151  13.148  -2.258  1.00 16.81 ? 8    VAL A O   1 
ATOM   32  C CB  . VAL A 1 5  ? -2.290  11.552  0.109   1.00 14.62 ? 8    VAL A CB  1 
ATOM   33  C CG1 . VAL A 1 5  ? -0.889  11.595  0.685   1.00 18.79 ? 8    VAL A CG1 1 
ATOM   34  C CG2 . VAL A 1 5  ? -3.251  11.181  1.219   1.00 12.26 ? 8    VAL A CG2 1 
ATOM   35  N N   . PRO A 1 6  ? -1.254  14.881  -0.867  1.00 14.30 ? 9    PRO A N   1 
ATOM   36  C CA  . PRO A 1 6  ? -0.212  15.580  -1.589  1.00 15.92 ? 9    PRO A CA  1 
ATOM   37  C C   . PRO A 1 6  ? 1.220   15.004  -1.446  1.00 17.02 ? 9    PRO A C   1 
ATOM   38  O O   . PRO A 1 6  ? 2.018   15.161  -2.382  1.00 20.23 ? 9    PRO A O   1 
ATOM   39  C CB  . PRO A 1 6  ? -0.412  17.025  -1.108  1.00 13.34 ? 9    PRO A CB  1 
ATOM   40  C CG  . PRO A 1 6  ? -1.053  16.930  0.237   1.00 8.18  ? 9    PRO A CG  1 
ATOM   41  C CD  . PRO A 1 6  ? -2.008  15.781  0.003   1.00 12.47 ? 9    PRO A CD  1 
ATOM   42  N N   . ASN A 1 7  ? 1.650   14.281  -0.399  1.00 15.63 ? 10   ASN A N   1 
ATOM   43  C CA  . ASN A 1 7  ? 3.048   13.841  -0.369  1.00 15.89 ? 10   ASN A CA  1 
ATOM   44  C C   . ASN A 1 7  ? 3.062   12.323  -0.169  1.00 17.41 ? 10   ASN A C   1 
ATOM   45  O O   . ASN A 1 7  ? 3.505   11.833  0.874   1.00 19.50 ? 10   ASN A O   1 
ATOM   46  C CB  . ASN A 1 7  ? 3.833   14.606  0.778   1.00 13.84 ? 10   ASN A CB  1 
ATOM   47  C CG  . ASN A 1 7  ? 3.879   16.140  0.629   1.00 16.33 ? 10   ASN A CG  1 
ATOM   48  O OD1 . ASN A 1 7  ? 3.346   16.912  1.424   1.00 19.91 ? 10   ASN A OD1 1 
ATOM   49  N ND2 . ASN A 1 7  ? 4.465   16.719  -0.410  1.00 21.27 ? 10   ASN A ND2 1 
ATOM   50  N N   . PRO A 1 8  ? 2.626   11.539  -1.187  1.00 16.20 ? 11   PRO A N   1 
ATOM   51  C CA  . PRO A 1 8  ? 2.294   10.138  -1.094  1.00 12.20 ? 11   PRO A CA  1 
ATOM   52  C C   . PRO A 1 8  ? 3.504   9.228   -1.012  1.00 13.83 ? 11   PRO A C   1 
ATOM   53  O O   . PRO A 1 8  ? 3.358   8.085   -0.599  1.00 16.92 ? 11   PRO A O   1 
ATOM   54  C CB  . PRO A 1 8  ? 1.465   9.946   -2.312  1.00 14.63 ? 11   PRO A CB  1 
ATOM   55  C CG  . PRO A 1 8  ? 2.235   10.700  -3.374  1.00 12.40 ? 11   PRO A CG  1 
ATOM   56  C CD  . PRO A 1 8  ? 2.584   11.949  -2.607  1.00 14.63 ? 11   PRO A CD  1 
ATOM   57  N N   . ASN A 1 9  ? 4.716   9.615   -1.421  1.00 14.16 ? 12   ASN A N   1 
ATOM   58  C CA  . ASN A 1 9  ? 5.897   8.762   -1.205  1.00 15.64 ? 12   ASN A CA  1 
ATOM   59  C C   . ASN A 1 9  ? 6.724   9.296   -0.012  1.00 18.34 ? 12   ASN A C   1 
ATOM   60  O O   . ASN A 1 9  ? 7.963   9.299   0.008   1.00 18.98 ? 12   ASN A O   1 
ATOM   61  C CB  . ASN A 1 9  ? 6.766   8.713   -2.485  1.00 13.98 ? 12   ASN A CB  1 
ATOM   62  C CG  . ASN A 1 9  ? 7.800   7.608   -2.526  1.00 11.93 ? 12   ASN A CG  1 
ATOM   63  O OD1 . ASN A 1 9  ? 7.485   6.426   -2.568  1.00 18.36 ? 12   ASN A OD1 1 
ATOM   64  N ND2 . ASN A 1 9  ? 9.088   7.909   -2.499  1.00 18.66 ? 12   ASN A ND2 1 
ATOM   65  N N   . ASN A 1 10 ? 6.034   9.754   1.045   1.00 17.85 ? 13   ASN A N   1 
ATOM   66  C CA  . ASN A 1 10 ? 6.722   10.151  2.242   1.00 17.99 ? 13   ASN A CA  1 
ATOM   67  C C   . ASN A 1 10 ? 7.046   8.913   3.033   1.00 20.41 ? 13   ASN A C   1 
ATOM   68  O O   . ASN A 1 10 ? 6.715   7.787   2.679   1.00 20.24 ? 13   ASN A O   1 
ATOM   69  C CB  . ASN A 1 10 ? 5.853   11.101  3.082   1.00 19.87 ? 13   ASN A CB  1 
ATOM   70  C CG  . ASN A 1 10 ? 4.487   10.596  3.481   1.00 20.72 ? 13   ASN A CG  1 
ATOM   71  O OD1 . ASN A 1 10 ? 4.319   9.442   3.860   1.00 25.75 ? 13   ASN A OD1 1 
ATOM   72  N ND2 . ASN A 1 10 ? 3.467   11.449  3.392   1.00 23.02 ? 13   ASN A ND2 1 
ATOM   73  N N   . THR A 1 11 ? 7.679   9.203   4.150   1.00 19.29 ? 14   THR A N   1 
ATOM   74  C CA  . THR A 1 11 ? 8.022   8.279   5.211   1.00 19.83 ? 14   THR A CA  1 
ATOM   75  C C   . THR A 1 11 ? 6.923   7.289   5.623   1.00 17.03 ? 14   THR A C   1 
ATOM   76  O O   . THR A 1 11 ? 7.082   6.078   5.543   1.00 13.49 ? 14   THR A O   1 
ATOM   77  C CB  . THR A 1 11 ? 8.472   9.200   6.381   1.00 24.45 ? 14   THR A CB  1 
ATOM   78  O OG1 . THR A 1 11 ? 7.434   10.169  6.609   1.00 24.81 ? 14   THR A OG1 1 
ATOM   79  C CG2 . THR A 1 11 ? 9.742   9.971   6.058   1.00 27.31 ? 14   THR A CG2 1 
ATOM   80  N N   . LYS A 1 12 ? 5.769   7.815   6.054   1.00 17.71 ? 15   LYS A N   1 
ATOM   81  C CA  . LYS A 1 12 ? 4.661   7.038   6.610   1.00 19.26 ? 15   LYS A CA  1 
ATOM   82  C C   . LYS A 1 12 ? 4.016   6.095   5.610   1.00 17.93 ? 15   LYS A C   1 
ATOM   83  O O   . LYS A 1 12 ? 3.642   4.968   5.939   1.00 16.93 ? 15   LYS A O   1 
ATOM   84  C CB  . LYS A 1 12 ? 3.570   7.998   7.181   1.00 23.84 ? 15   LYS A CB  1 
ATOM   85  C CG  . LYS A 1 12 ? 2.234   7.329   7.624   1.00 25.60 ? 15   LYS A CG  1 
ATOM   86  C CD  . LYS A 1 12 ? 1.044   8.292   7.756   1.00 23.93 ? 15   LYS A CD  1 
ATOM   87  C CE  . LYS A 1 12 ? -0.319  7.590   7.628   1.00 18.23 ? 15   LYS A CE  1 
ATOM   88  N NZ  . LYS A 1 12 ? -0.544  6.615   8.674   1.00 16.16 ? 15   LYS A NZ  1 
ATOM   89  N N   . PHE A 1 13 ? 3.905   6.619   4.387   1.00 13.35 ? 16   PHE A N   1 
ATOM   90  C CA  . PHE A 1 13 ? 3.280   5.925   3.291   1.00 10.04 ? 16   PHE A CA  1 
ATOM   91  C C   . PHE A 1 13 ? 4.073   4.833   2.629   1.00 8.57  ? 16   PHE A C   1 
ATOM   92  O O   . PHE A 1 13 ? 3.485   3.866   2.164   1.00 10.69 ? 16   PHE A O   1 
ATOM   93  C CB  . PHE A 1 13 ? 2.885   6.953   2.290   1.00 7.58  ? 16   PHE A CB  1 
ATOM   94  C CG  . PHE A 1 13 ? 1.539   7.539   2.628   1.00 4.90  ? 16   PHE A CG  1 
ATOM   95  C CD1 . PHE A 1 13 ? 1.352   8.908   2.526   1.00 8.22  ? 16   PHE A CD1 1 
ATOM   96  C CD2 . PHE A 1 13 ? 0.490   6.703   2.982   1.00 3.27  ? 16   PHE A CD2 1 
ATOM   97  C CE1 . PHE A 1 13 ? 0.093   9.443   2.773   1.00 13.19 ? 16   PHE A CE1 1 
ATOM   98  C CE2 . PHE A 1 13 ? -0.758  7.249   3.227   1.00 10.59 ? 16   PHE A CE2 1 
ATOM   99  C CZ  . PHE A 1 13 ? -0.973  8.624   3.125   1.00 11.51 ? 16   PHE A CZ  1 
ATOM   100 N N   . GLN A 1 14 ? 5.391   5.023   2.544   1.00 9.74  ? 17   GLN A N   1 
ATOM   101 C CA  . GLN A 1 14 ? 6.334   4.044   2.055   1.00 7.67  ? 17   GLN A CA  1 
ATOM   102 C C   . GLN A 1 14 ? 6.361   2.872   3.030   1.00 8.78  ? 17   GLN A C   1 
ATOM   103 O O   . GLN A 1 14 ? 6.446   1.734   2.597   1.00 7.59  ? 17   GLN A O   1 
ATOM   104 C CB  . GLN A 1 14 ? 7.725   4.661   1.950   1.00 9.59  ? 17   GLN A CB  1 
ATOM   105 C CG  . GLN A 1 14 ? 7.934   5.639   0.798   1.00 8.54  ? 17   GLN A CG  1 
ATOM   106 C CD  . GLN A 1 14 ? 9.416   5.876   0.538   1.00 12.25 ? 17   GLN A CD  1 
ATOM   107 O OE1 . GLN A 1 14 ? 10.114  5.040   -0.020  1.00 14.37 ? 17   GLN A OE1 1 
ATOM   108 N NE2 . GLN A 1 14 ? 9.995   6.998   0.933   1.00 14.38 ? 17   GLN A NE2 1 
ATOM   109 N N   . GLU A 1 15 ? 6.271   3.128   4.352   1.00 11.59 ? 18   GLU A N   1 
ATOM   110 C CA  . GLU A 1 15 ? 6.082   2.102   5.394   1.00 12.11 ? 18   GLU A CA  1 
ATOM   111 C C   . GLU A 1 15 ? 4.675   1.469   5.389   1.00 9.25  ? 18   GLU A C   1 
ATOM   112 O O   . GLU A 1 15 ? 4.566   0.315   5.744   1.00 8.88  ? 18   GLU A O   1 
ATOM   113 C CB  . GLU A 1 15 ? 6.295   2.667   6.801   1.00 15.99 ? 18   GLU A CB  1 
ATOM   114 C CG  . GLU A 1 15 ? 7.695   3.026   7.264   1.00 16.39 ? 18   GLU A CG  1 
ATOM   115 C CD  . GLU A 1 15 ? 7.634   3.936   8.493   1.00 27.47 ? 18   GLU A CD  1 
ATOM   116 O OE1 . GLU A 1 15 ? 6.916   3.606   9.447   1.00 36.79 ? 18   GLU A OE1 1 
ATOM   117 O OE2 . GLU A 1 15 ? 8.283   4.988   8.512   1.00 28.26 ? 18   GLU A OE2 1 
ATOM   118 N N   . LEU A 1 16 ? 3.569   2.151   5.036   1.00 9.72  ? 19   LEU A N   1 
ATOM   119 C CA  . LEU A 1 16 ? 2.267   1.513   4.853   1.00 9.62  ? 19   LEU A CA  1 
ATOM   120 C C   . LEU A 1 16 ? 2.265   0.575   3.642   1.00 11.84 ? 19   LEU A C   1 
ATOM   121 O O   . LEU A 1 16 ? 1.717   -0.531  3.749   1.00 13.58 ? 19   LEU A O   1 
ATOM   122 C CB  . LEU A 1 16 ? 1.174   2.548   4.650   1.00 7.46  ? 19   LEU A CB  1 
ATOM   123 C CG  . LEU A 1 16 ? 0.116   2.681   5.743   1.00 3.97  ? 19   LEU A CG  1 
ATOM   124 C CD1 . LEU A 1 16 ? 0.757   2.925   7.061   1.00 2.00  ? 19   LEU A CD1 1 
ATOM   125 C CD2 . LEU A 1 16 ? -0.753  3.873   5.481   1.00 2.00  ? 19   LEU A CD2 1 
ATOM   126 N N   . ALA A 1 17 ? 2.886   0.968   2.505   1.00 11.36 ? 20   ALA A N   1 
ATOM   127 C CA  . ALA A 1 17 ? 3.015   0.098   1.343   1.00 10.71 ? 20   ALA A CA  1 
ATOM   128 C C   . ALA A 1 17 ? 3.973   -1.054  1.570   1.00 10.56 ? 20   ALA A C   1 
ATOM   129 O O   . ALA A 1 17 ? 3.597   -2.166  1.226   1.00 10.81 ? 20   ALA A O   1 
ATOM   130 C CB  . ALA A 1 17 ? 3.505   0.861   0.133   1.00 13.08 ? 20   ALA A CB  1 
ATOM   131 N N   . ARG A 1 18 ? 5.152   -0.863  2.180   1.00 8.17  ? 21   ARG A N   1 
ATOM   132 C CA  . ARG A 1 18 ? 6.071   -1.948  2.552   1.00 5.80  ? 21   ARG A CA  1 
ATOM   133 C C   . ARG A 1 18 ? 5.465   -3.001  3.448   1.00 4.45  ? 21   ARG A C   1 
ATOM   134 O O   . ARG A 1 18 ? 5.793   -4.174  3.247   1.00 6.37  ? 21   ARG A O   1 
ATOM   135 C CB  . ARG A 1 18 ? 7.297   -1.429  3.279   1.00 9.60  ? 21   ARG A CB  1 
ATOM   136 C CG  . ARG A 1 18 ? 8.355   -0.854  2.354   1.00 10.63 ? 21   ARG A CG  1 
ATOM   137 C CD  . ARG A 1 18 ? 9.480   -0.253  3.179   1.00 18.99 ? 21   ARG A CD  1 
ATOM   138 N NE  . ARG A 1 18 ? 10.763  -0.826  2.784   1.00 25.53 ? 21   ARG A NE  1 
ATOM   139 C CZ  . ARG A 1 18 ? 11.555  -1.577  3.581   1.00 27.71 ? 21   ARG A CZ  1 
ATOM   140 N NH1 . ARG A 1 18 ? 11.227  -1.883  4.850   1.00 32.26 ? 21   ARG A NH1 1 
ATOM   141 N NH2 . ARG A 1 18 ? 12.733  -2.002  3.114   1.00 25.52 ? 21   ARG A NH2 1 
ATOM   142 N N   . PHE A 1 19 ? 4.635   -2.621  4.446   1.00 3.34  ? 22   PHE A N   1 
ATOM   143 C CA  . PHE A 1 19 ? 3.802   -3.531  5.248   1.00 2.12  ? 22   PHE A CA  1 
ATOM   144 C C   . PHE A 1 19 ? 2.818   -4.367  4.405   1.00 2.00  ? 22   PHE A C   1 
ATOM   145 O O   . PHE A 1 19 ? 2.675   -5.545  4.654   1.00 3.91  ? 22   PHE A O   1 
ATOM   146 C CB  . PHE A 1 19 ? 2.992   -2.726  6.282   1.00 3.37  ? 22   PHE A CB  1 
ATOM   147 C CG  . PHE A 1 19 ? 1.702   -3.382  6.805   1.00 5.05  ? 22   PHE A CG  1 
ATOM   148 C CD1 . PHE A 1 19 ? 1.754   -4.441  7.724   1.00 2.69  ? 22   PHE A CD1 1 
ATOM   149 C CD2 . PHE A 1 19 ? 0.455   -2.939  6.327   1.00 4.26  ? 22   PHE A CD2 1 
ATOM   150 C CE1 . PHE A 1 19 ? 0.576   -5.056  8.153   1.00 2.00  ? 22   PHE A CE1 1 
ATOM   151 C CE2 . PHE A 1 19 ? -0.715  -3.563  6.764   1.00 2.00  ? 22   PHE A CE2 1 
ATOM   152 C CZ  . PHE A 1 19 ? -0.647  -4.610  7.671   1.00 2.00  ? 22   PHE A CZ  1 
ATOM   153 N N   . ALA A 1 20 ? 2.032   -3.814  3.481   1.00 2.58  ? 23   ALA A N   1 
ATOM   154 C CA  . ALA A 1 20 ? 1.169   -4.579  2.589   1.00 4.73  ? 23   ALA A CA  1 
ATOM   155 C C   . ALA A 1 20 ? 1.927   -5.562  1.674   1.00 6.86  ? 23   ALA A C   1 
ATOM   156 O O   . ALA A 1 20 ? 1.484   -6.684  1.431   1.00 7.63  ? 23   ALA A O   1 
ATOM   157 C CB  . ALA A 1 20 ? 0.388   -3.619  1.721   1.00 2.00  ? 23   ALA A CB  1 
ATOM   158 N N   . ILE A 1 21 ? 3.106   -5.167  1.160   1.00 7.16  ? 24   ILE A N   1 
ATOM   159 C CA  . ILE A 1 21 ? 3.900   -5.997  0.288   1.00 5.79  ? 24   ILE A CA  1 
ATOM   160 C C   . ILE A 1 21 ? 4.361   -7.127  1.178   1.00 7.96  ? 24   ILE A C   1 
ATOM   161 O O   . ILE A 1 21 ? 4.204   -8.264  0.752   1.00 11.05 ? 24   ILE A O   1 
ATOM   162 C CB  . ILE A 1 21 ? 5.086   -5.228  -0.235  1.00 4.66  ? 24   ILE A CB  1 
ATOM   163 C CG1 . ILE A 1 21 ? 4.662   -4.008  -1.018  1.00 6.35  ? 24   ILE A CG1 1 
ATOM   164 C CG2 . ILE A 1 21 ? 5.905   -6.173  -1.114  1.00 11.28 ? 24   ILE A CG2 1 
ATOM   165 C CD1 . ILE A 1 21 ? 4.172   -4.151  -2.475  1.00 13.18 ? 24   ILE A CD1 1 
ATOM   166 N N   . GLN A 1 22 ? 4.894   -6.863  2.386   1.00 6.94  ? 25   GLN A N   1 
ATOM   167 C CA  . GLN A 1 22 ? 5.205   -7.939  3.313   1.00 8.35  ? 25   GLN A CA  1 
ATOM   168 C C   . GLN A 1 22 ? 3.978   -8.778  3.691   1.00 8.85  ? 25   GLN A C   1 
ATOM   169 O O   . GLN A 1 22 ? 4.173   -9.987  3.830   1.00 8.00  ? 25   GLN A O   1 
ATOM   170 C CB  . GLN A 1 22 ? 5.875   -7.322  4.537   1.00 8.11  ? 25   GLN A CB  1 
ATOM   171 C CG  . GLN A 1 22 ? 5.937   -8.029  5.889   1.00 15.43 ? 25   GLN A CG  1 
ATOM   172 C CD  . GLN A 1 22 ? 6.976   -9.094  6.224   1.00 19.31 ? 25   GLN A CD  1 
ATOM   173 O OE1 . GLN A 1 22 ? 6.809   -9.739  7.248   1.00 21.93 ? 25   GLN A OE1 1 
ATOM   174 N NE2 . GLN A 1 22 ? 8.071   -9.370  5.520   1.00 24.00 ? 25   GLN A NE2 1 
ATOM   175 N N   . ASP A 1 23 ? 2.735   -8.241  3.814   1.00 9.47  ? 26   ASP A N   1 
ATOM   176 C CA  . ASP A 1 23 ? 1.530   -9.049  4.101   1.00 12.85 ? 26   ASP A CA  1 
ATOM   177 C C   . ASP A 1 23 ? 1.325   -10.031 2.946   1.00 13.57 ? 26   ASP A C   1 
ATOM   178 O O   . ASP A 1 23 ? 1.162   -11.234 3.150   1.00 13.66 ? 26   ASP A O   1 
ATOM   179 C CB  . ASP A 1 23 ? 0.204   -8.209  4.225   1.00 14.38 ? 26   ASP A CB  1 
ATOM   180 C CG  . ASP A 1 23 ? -1.039  -8.935  4.802   1.00 21.95 ? 26   ASP A CG  1 
ATOM   181 O OD1 . ASP A 1 23 ? -1.860  -9.512  4.073   1.00 23.22 ? 26   ASP A OD1 1 
ATOM   182 O OD2 . ASP A 1 23 ? -1.216  -8.923  6.020   1.00 25.64 ? 26   ASP A OD2 1 
ATOM   183 N N   . TYR A 1 24 ? 1.423   -9.472  1.732   1.00 10.06 ? 27   TYR A N   1 
ATOM   184 C CA  . TYR A 1 24 ? 1.268   -10.171 0.486   1.00 10.95 ? 27   TYR A CA  1 
ATOM   185 C C   . TYR A 1 24 ? 2.276   -11.298 0.239   1.00 10.28 ? 27   TYR A C   1 
ATOM   186 O O   . TYR A 1 24 ? 1.906   -12.415 -0.142  1.00 9.02  ? 27   TYR A O   1 
ATOM   187 C CB  . TYR A 1 24 ? 1.320   -9.095  -0.581  1.00 12.19 ? 27   TYR A CB  1 
ATOM   188 C CG  . TYR A 1 24 ? 1.025   -9.630  -1.967  1.00 15.28 ? 27   TYR A CG  1 
ATOM   189 C CD1 . TYR A 1 24 ? -0.308  -9.828  -2.378  1.00 16.78 ? 27   TYR A CD1 1 
ATOM   190 C CD2 . TYR A 1 24 ? 2.099   -9.980  -2.797  1.00 12.75 ? 27   TYR A CD2 1 
ATOM   191 C CE1 . TYR A 1 24 ? -0.548  -10.394 -3.640  1.00 18.55 ? 27   TYR A CE1 1 
ATOM   192 C CE2 . TYR A 1 24 ? 1.862   -10.545 -4.040  1.00 13.90 ? 27   TYR A CE2 1 
ATOM   193 C CZ  . TYR A 1 24 ? 0.546   -10.752 -4.457  1.00 18.08 ? 27   TYR A CZ  1 
ATOM   194 O OH  . TYR A 1 24 ? 0.342   -11.344 -5.695  1.00 22.60 ? 27   TYR A OH  1 
ATOM   195 N N   . ASN A 1 25 ? 3.565   -10.998 0.422   1.00 9.12  ? 28   ASN A N   1 
ATOM   196 C CA  . ASN A 1 25 ? 4.608   -11.996 0.218   1.00 11.08 ? 28   ASN A CA  1 
ATOM   197 C C   . ASN A 1 25 ? 4.464   -13.149 1.190   1.00 11.34 ? 28   ASN A C   1 
ATOM   198 O O   . ASN A 1 25 ? 4.544   -14.290 0.744   1.00 13.07 ? 28   ASN A O   1 
ATOM   199 C CB  . ASN A 1 25 ? 5.982   -11.400 0.387   1.00 7.27  ? 28   ASN A CB  1 
ATOM   200 C CG  . ASN A 1 25 ? 6.401   -10.486 -0.742  1.00 4.98  ? 28   ASN A CG  1 
ATOM   201 O OD1 . ASN A 1 25 ? 5.788   -10.290 -1.788  1.00 3.78  ? 28   ASN A OD1 1 
ATOM   202 N ND2 . ASN A 1 25 ? 7.526   -9.873  -0.479  1.00 3.85  ? 28   ASN A ND2 1 
ATOM   203 N N   . LYS A 1 26 ? 4.173   -12.890 2.474   1.00 15.23 ? 29   LYS A N   1 
ATOM   204 C CA  . LYS A 1 26 ? 3.913   -13.953 3.450   1.00 15.33 ? 29   LYS A CA  1 
ATOM   205 C C   . LYS A 1 26 ? 2.689   -14.831 3.113   1.00 15.74 ? 29   LYS A C   1 
ATOM   206 O O   . LYS A 1 26 ? 2.784   -16.064 3.151   1.00 12.91 ? 29   LYS A O   1 
ATOM   207 C CB  . LYS A 1 26 ? 3.720   -13.329 4.828   1.00 15.39 ? 29   LYS A CB  1 
ATOM   208 C CG  . LYS A 1 26 ? 4.026   -14.299 5.972   1.00 20.07 ? 29   LYS A CG  1 
ATOM   209 C CD  . LYS A 1 26 ? 3.734   -13.715 7.350   1.00 26.09 ? 29   LYS A CD  1 
ATOM   210 C CE  . LYS A 1 26 ? 4.492   -12.417 7.615   1.00 27.12 ? 29   LYS A CE  1 
ATOM   211 N NZ  . LYS A 1 26 ? 3.956   -11.763 8.793   1.00 28.48 ? 29   LYS A NZ  1 
ATOM   212 N N   . LYS A 1 27 ? 1.545   -14.218 2.732   1.00 16.92 ? 30   LYS A N   1 
ATOM   213 C CA  . LYS A 1 27 ? 0.309   -14.941 2.415   1.00 17.08 ? 30   LYS A CA  1 
ATOM   214 C C   . LYS A 1 27 ? 0.288   -15.619 1.028   1.00 16.30 ? 30   LYS A C   1 
ATOM   215 O O   . LYS A 1 27 ? -0.379  -16.630 0.841   1.00 15.98 ? 30   LYS A O   1 
ATOM   216 C CB  . LYS A 1 27 ? -0.891  -13.973 2.545   1.00 20.28 ? 30   LYS A CB  1 
ATOM   217 C CG  . LYS A 1 27 ? -1.422  -13.600 3.974   1.00 23.32 ? 30   LYS A CG  1 
ATOM   218 C CD  . LYS A 1 27 ? -0.420  -12.975 4.993   1.00 26.21 ? 30   LYS A CD  1 
ATOM   219 C CE  . LYS A 1 27 ? -1.000  -12.425 6.323   1.00 27.75 ? 30   LYS A CE  1 
ATOM   220 N NZ  . LYS A 1 27 ? -0.027  -12.340 7.410   1.00 24.52 ? 30   LYS A NZ  1 
ATOM   221 N N   . GLN A 1 28 ? 1.082   -15.134 0.061   1.00 16.69 ? 31   GLN A N   1 
ATOM   222 C CA  . GLN A 1 28 ? 1.164   -15.645 -1.291  1.00 14.52 ? 31   GLN A CA  1 
ATOM   223 C C   . GLN A 1 28 ? 2.409   -16.443 -1.544  1.00 13.84 ? 31   GLN A C   1 
ATOM   224 O O   . GLN A 1 28 ? 2.484   -17.065 -2.597  1.00 15.30 ? 31   GLN A O   1 
ATOM   225 C CB  . GLN A 1 28 ? 1.149   -14.516 -2.330  1.00 13.70 ? 31   GLN A CB  1 
ATOM   226 C CG  . GLN A 1 28 ? -0.173  -13.764 -2.448  1.00 20.88 ? 31   GLN A CG  1 
ATOM   227 C CD  . GLN A 1 28 ? -1.459  -14.616 -2.551  1.00 20.54 ? 31   GLN A CD  1 
ATOM   228 O OE1 . GLN A 1 28 ? -2.390  -14.445 -1.751  1.00 24.37 ? 31   GLN A OE1 1 
ATOM   229 N NE2 . GLN A 1 28 ? -1.576  -15.555 -3.494  1.00 16.70 ? 31   GLN A NE2 1 
ATOM   230 N N   . ASN A 1 29 ? 3.394   -16.433 -0.633  1.00 13.61 ? 32   ASN A N   1 
ATOM   231 C CA  . ASN A 1 29 ? 4.711   -17.052 -0.812  1.00 14.48 ? 32   ASN A CA  1 
ATOM   232 C C   . ASN A 1 29 ? 5.329   -16.445 -2.068  1.00 15.44 ? 32   ASN A C   1 
ATOM   233 O O   . ASN A 1 29 ? 5.796   -17.119 -2.976  1.00 17.94 ? 32   ASN A O   1 
ATOM   234 C CB  . ASN A 1 29 ? 4.568   -18.605 -0.920  1.00 15.47 ? 32   ASN A CB  1 
ATOM   235 C CG  . ASN A 1 29 ? 5.862   -19.432 -1.059  1.00 17.21 ? 32   ASN A CG  1 
ATOM   236 O OD1 . ASN A 1 29 ? 6.870   -19.246 -0.363  1.00 17.47 ? 32   ASN A OD1 1 
ATOM   237 N ND2 . ASN A 1 29 ? 5.825   -20.367 -2.008  1.00 12.50 ? 32   ASN A ND2 1 
ATOM   238 N N   . ALA A 1 30 ? 5.274   -15.108 -2.144  1.00 15.85 ? 33   ALA A N   1 
ATOM   239 C CA  . ALA A 1 30 ? 5.771   -14.346 -3.275  1.00 13.42 ? 33   ALA A CA  1 
ATOM   240 C C   . ALA A 1 30 ? 6.947   -13.475 -2.920  1.00 12.87 ? 33   ALA A C   1 
ATOM   241 O O   . ALA A 1 30 ? 7.303   -13.318 -1.759  1.00 14.95 ? 33   ALA A O   1 
ATOM   242 C CB  . ALA A 1 30 ? 4.663   -13.460 -3.842  1.00 14.11 ? 33   ALA A CB  1 
ATOM   243 N N   . HIS A 1 31 ? 7.599   -12.914 -3.936  1.00 12.39 ? 34   HIS A N   1 
ATOM   244 C CA  . HIS A 1 31 ? 8.821   -12.161 -3.726  1.00 13.66 ? 34   HIS A CA  1 
ATOM   245 C C   . HIS A 1 31 ? 8.849   -10.729 -4.296  1.00 14.50 ? 34   HIS A C   1 
ATOM   246 O O   . HIS A 1 31 ? 9.873   -10.232 -4.778  1.00 15.91 ? 34   HIS A O   1 
ATOM   247 C CB  . HIS A 1 31 ? 9.935   -13.048 -4.274  1.00 13.06 ? 34   HIS A CB  1 
ATOM   248 C CG  . HIS A 1 31 ? 10.069  -14.354 -3.466  1.00 19.66 ? 34   HIS A CG  1 
ATOM   249 N ND1 . HIS A 1 31 ? 9.221   -15.380 -3.429  1.00 22.00 ? 34   HIS A ND1 1 
ATOM   250 C CD2 . HIS A 1 31 ? 11.097  -14.661 -2.601  1.00 19.51 ? 34   HIS A CD2 1 
ATOM   251 C CE1 . HIS A 1 31 ? 9.701   -16.265 -2.587  1.00 22.50 ? 34   HIS A CE1 1 
ATOM   252 N NE2 . HIS A 1 31 ? 10.827  -15.829 -2.091  1.00 20.40 ? 34   HIS A NE2 1 
ATOM   253 N N   . LEU A 1 32 ? 7.714   -10.009 -4.226  1.00 13.70 ? 35   LEU A N   1 
ATOM   254 C CA  . LEU A 1 32 ? 7.665   -8.610  -4.629  1.00 11.48 ? 35   LEU A CA  1 
ATOM   255 C C   . LEU A 1 32 ? 8.501   -7.696  -3.722  1.00 8.64  ? 35   LEU A C   1 
ATOM   256 O O   . LEU A 1 32 ? 8.632   -7.900  -2.505  1.00 7.39  ? 35   LEU A O   1 
ATOM   257 C CB  . LEU A 1 32 ? 6.232   -8.066  -4.616  1.00 11.89 ? 35   LEU A CB  1 
ATOM   258 C CG  . LEU A 1 32 ? 5.209   -8.355  -5.689  1.00 8.62  ? 35   LEU A CG  1 
ATOM   259 C CD1 . LEU A 1 32 ? 4.958   -9.824  -5.762  1.00 13.16 ? 35   LEU A CD1 1 
ATOM   260 C CD2 . LEU A 1 32 ? 3.903   -7.688  -5.342  1.00 6.17  ? 35   LEU A CD2 1 
ATOM   261 N N   . GLU A 1 33 ? 9.082   -6.683  -4.396  1.00 6.60  ? 36   GLU A N   1 
ATOM   262 C CA  . GLU A 1 33 ? 9.903   -5.688  -3.752  1.00 5.30  ? 36   GLU A CA  1 
ATOM   263 C C   . GLU A 1 33 ? 9.424   -4.276  -4.019  1.00 6.55  ? 36   GLU A C   1 
ATOM   264 O O   . GLU A 1 33 ? 9.473   -3.816  -5.151  1.00 8.57  ? 36   GLU A O   1 
ATOM   265 C CB  . GLU A 1 33 ? 11.314  -5.778  -4.232  1.00 10.30 ? 36   GLU A CB  1 
ATOM   266 C CG  . GLU A 1 33 ? 11.862  -7.206  -4.325  1.00 18.71 ? 36   GLU A CG  1 
ATOM   267 C CD  . GLU A 1 33 ? 13.362  -7.361  -4.161  1.00 20.27 ? 36   GLU A CD  1 
ATOM   268 O OE1 . GLU A 1 33 ? 14.092  -6.367  -4.258  1.00 23.75 ? 36   GLU A OE1 1 
ATOM   269 O OE2 . GLU A 1 33 ? 13.784  -8.495  -3.912  1.00 25.00 ? 36   GLU A OE2 1 
ATOM   270 N N   . PHE A 1 34 ? 8.980   -3.541  -2.998  1.00 6.20  ? 37   PHE A N   1 
ATOM   271 C CA  . PHE A 1 34 ? 8.567   -2.160  -3.151  1.00 5.06  ? 37   PHE A CA  1 
ATOM   272 C C   . PHE A 1 34 ? 9.770   -1.348  -3.569  1.00 6.94  ? 37   PHE A C   1 
ATOM   273 O O   . PHE A 1 34 ? 10.908  -1.564  -3.097  1.00 3.37  ? 37   PHE A O   1 
ATOM   274 C CB  . PHE A 1 34 ? 7.987   -1.578  -1.805  1.00 8.65  ? 37   PHE A CB  1 
ATOM   275 C CG  . PHE A 1 34 ? 7.720   -0.047  -1.721  1.00 4.50  ? 37   PHE A CG  1 
ATOM   276 C CD1 . PHE A 1 34 ? 8.732   0.828   -1.271  1.00 3.36  ? 37   PHE A CD1 1 
ATOM   277 C CD2 . PHE A 1 34 ? 6.475   0.461   -2.074  1.00 2.00  ? 37   PHE A CD2 1 
ATOM   278 C CE1 . PHE A 1 34 ? 8.480   2.195   -1.182  1.00 5.27  ? 37   PHE A CE1 1 
ATOM   279 C CE2 . PHE A 1 34 ? 6.240   1.821   -1.977  1.00 2.84  ? 37   PHE A CE2 1 
ATOM   280 C CZ  . PHE A 1 34 ? 7.227   2.691   -1.536  1.00 6.41  ? 37   PHE A CZ  1 
ATOM   281 N N   . VAL A 1 35 ? 9.382   -0.441  -4.504  1.00 7.79  ? 38   VAL A N   1 
ATOM   282 C CA  . VAL A 1 35 ? 10.257  0.582   -5.065  1.00 4.30  ? 38   VAL A CA  1 
ATOM   283 C C   . VAL A 1 35 ? 9.736   1.943   -4.568  1.00 4.71  ? 38   VAL A C   1 
ATOM   284 O O   . VAL A 1 35 ? 10.367  2.607   -3.739  1.00 6.06  ? 38   VAL A O   1 
ATOM   285 C CB  . VAL A 1 35 ? 10.247  0.514   -6.649  1.00 3.60  ? 38   VAL A CB  1 
ATOM   286 C CG1 . VAL A 1 35 ? 11.290  1.421   -7.255  1.00 2.00  ? 38   VAL A CG1 1 
ATOM   287 C CG2 . VAL A 1 35 ? 10.593  -0.863  -7.114  1.00 2.00  ? 38   VAL A CG2 1 
ATOM   288 N N   . GLU A 1 36 ? 8.532   2.355   -5.001  1.00 5.02  ? 39   GLU A N   1 
ATOM   289 C CA  . GLU A 1 36 ? 8.012   3.691   -4.728  1.00 4.25  ? 39   GLU A CA  1 
ATOM   290 C C   . GLU A 1 36 ? 6.517   3.814   -4.873  1.00 2.48  ? 39   GLU A C   1 
ATOM   291 O O   . GLU A 1 36 ? 5.920   3.146   -5.706  1.00 2.00  ? 39   GLU A O   1 
ATOM   292 C CB  . GLU A 1 36 ? 8.659   4.684   -5.677  1.00 12.16 ? 39   GLU A CB  1 
ATOM   293 C CG  . GLU A 1 36 ? 8.332   4.351   -7.142  1.00 17.65 ? 39   GLU A CG  1 
ATOM   294 C CD  . GLU A 1 36 ? 8.861   5.303   -8.191  1.00 18.31 ? 39   GLU A CD  1 
ATOM   295 O OE1 . GLU A 1 36 ? 8.595   6.509   -8.178  1.00 18.66 ? 39   GLU A OE1 1 
ATOM   296 O OE2 . GLU A 1 36 ? 9.529   4.778   -9.063  1.00 25.29 ? 39   GLU A OE2 1 
ATOM   297 N N   . ASN A 1 37 ? 5.888   4.645   -4.041  1.00 4.12  ? 40   ASN A N   1 
ATOM   298 C CA  . ASN A 1 37 ? 4.471   4.914   -4.206  1.00 5.49  ? 40   ASN A CA  1 
ATOM   299 C C   . ASN A 1 37 ? 4.401   5.948   -5.310  1.00 5.92  ? 40   ASN A C   1 
ATOM   300 O O   . ASN A 1 37 ? 5.304   6.768   -5.505  1.00 8.74  ? 40   ASN A O   1 
ATOM   301 C CB  . ASN A 1 37 ? 3.764   5.525   -2.959  1.00 6.80  ? 40   ASN A CB  1 
ATOM   302 C CG  . ASN A 1 37 ? 3.736   4.691   -1.685  1.00 5.90  ? 40   ASN A CG  1 
ATOM   303 O OD1 . ASN A 1 37 ? 3.764   5.207   -0.566  1.00 7.19  ? 40   ASN A OD1 1 
ATOM   304 N ND2 . ASN A 1 37 ? 3.688   3.374   -1.814  1.00 3.38  ? 40   ASN A ND2 1 
ATOM   305 N N   . LEU A 1 38 ? 3.277   5.888   -6.018  1.00 6.60  ? 41   LEU A N   1 
ATOM   306 C CA  . LEU A 1 38 ? 2.992   6.689   -7.191  1.00 4.54  ? 41   LEU A CA  1 
ATOM   307 C C   . LEU A 1 38 ? 1.865   7.660   -6.920  1.00 4.38  ? 41   LEU A C   1 
ATOM   308 O O   . LEU A 1 38 ? 1.764   8.715   -7.523  1.00 6.94  ? 41   LEU A O   1 
ATOM   309 C CB  . LEU A 1 38 ? 2.652   5.691   -8.322  1.00 6.78  ? 41   LEU A CB  1 
ATOM   310 C CG  . LEU A 1 38 ? 3.478   5.387   -9.580  1.00 3.69  ? 41   LEU A CG  1 
ATOM   311 C CD1 . LEU A 1 38 ? 4.892   5.027   -9.287  1.00 9.42  ? 41   LEU A CD1 1 
ATOM   312 C CD2 . LEU A 1 38 ? 2.865   4.216   -10.242 1.00 3.89  ? 41   LEU A CD2 1 
ATOM   313 N N   . ASN A 1 39 ? 0.982   7.334   -5.998  1.00 4.87  ? 42   ASN A N   1 
ATOM   314 C CA  . ASN A 1 39 ? -0.205  8.107   -5.658  1.00 5.15  ? 42   ASN A CA  1 
ATOM   315 C C   . ASN A 1 39 ? -0.847  7.575   -4.379  1.00 6.99  ? 42   ASN A C   1 
ATOM   316 O O   . ASN A 1 39 ? -0.881  6.356   -4.176  1.00 5.57  ? 42   ASN A O   1 
ATOM   317 C CB  . ASN A 1 39 ? -1.220  8.022   -6.793  1.00 2.00  ? 42   ASN A CB  1 
ATOM   318 C CG  . ASN A 1 39 ? -2.610  8.600   -6.549  1.00 2.00  ? 42   ASN A CG  1 
ATOM   319 O OD1 . ASN A 1 39 ? -2.909  9.786   -6.540  1.00 4.69  ? 42   ASN A OD1 1 
ATOM   320 N ND2 . ASN A 1 39 ? -3.525  7.686   -6.372  1.00 2.00  ? 42   ASN A ND2 1 
ATOM   321 N N   . VAL A 1 40 ? -1.337  8.452   -3.483  1.00 6.79  ? 43   VAL A N   1 
ATOM   322 C CA  . VAL A 1 40 ? -2.114  7.985   -2.337  1.00 7.10  ? 43   VAL A CA  1 
ATOM   323 C C   . VAL A 1 40 ? -3.408  8.816   -2.194  1.00 7.52  ? 43   VAL A C   1 
ATOM   324 O O   . VAL A 1 40 ? -3.471  10.036  -2.321  1.00 6.67  ? 43   VAL A O   1 
ATOM   325 C CB  . VAL A 1 40 ? -1.318  8.052   -0.987  1.00 2.49  ? 43   VAL A CB  1 
ATOM   326 C CG1 . VAL A 1 40 ? -2.281  7.555   0.083   1.00 9.08  ? 43   VAL A CG1 1 
ATOM   327 C CG2 . VAL A 1 40 ? -0.116  7.132   -0.906  1.00 2.00  ? 43   VAL A CG2 1 
ATOM   328 N N   . LYS A 1 41 ? -4.484  8.082   -1.931  1.00 6.33  ? 44   LYS A N   1 
ATOM   329 C CA  . LYS A 1 41 ? -5.798  8.628   -1.801  1.00 8.08  ? 44   LYS A CA  1 
ATOM   330 C C   . LYS A 1 41 ? -6.368  8.066   -0.529  1.00 6.54  ? 44   LYS A C   1 
ATOM   331 O O   . LYS A 1 41 ? -5.911  7.030   -0.056  1.00 5.93  ? 44   LYS A O   1 
ATOM   332 C CB  . LYS A 1 41 ? -6.651  8.227   -3.008  1.00 9.58  ? 44   LYS A CB  1 
ATOM   333 C CG  . LYS A 1 41 ? -6.366  9.006   -4.272  1.00 11.61 ? 44   LYS A CG  1 
ATOM   334 C CD  . LYS A 1 41 ? -7.301  8.535   -5.334  1.00 14.47 ? 44   LYS A CD  1 
ATOM   335 C CE  . LYS A 1 41 ? -6.802  8.988   -6.668  1.00 19.93 ? 44   LYS A CE  1 
ATOM   336 N NZ  . LYS A 1 41 ? -7.412  8.166   -7.704  1.00 25.43 ? 44   LYS A NZ  1 
ATOM   337 N N   . GLU A 1 42 ? -7.360  8.778   0.006   1.00 6.50  ? 45   GLU A N   1 
ATOM   338 C CA  . GLU A 1 42 ? -7.893  8.421   1.288   1.00 9.02  ? 45   GLU A CA  1 
ATOM   339 C C   . GLU A 1 42 ? -9.372  8.747   1.514   1.00 9.03  ? 45   GLU A C   1 
ATOM   340 O O   . GLU A 1 42 ? -9.940  9.734   1.042   1.00 8.74  ? 45   GLU A O   1 
ATOM   341 C CB  . GLU A 1 42 ? -6.993  9.098   2.339   1.00 7.15  ? 45   GLU A CB  1 
ATOM   342 C CG  . GLU A 1 42 ? -7.196  10.610  2.399   1.00 4.10  ? 45   GLU A CG  1 
ATOM   343 C CD  . GLU A 1 42 ? -6.285  11.393  3.327   1.00 2.91  ? 45   GLU A CD  1 
ATOM   344 O OE1 . GLU A 1 42 ? -5.267  10.901  3.783   1.00 2.00  ? 45   GLU A OE1 1 
ATOM   345 O OE2 . GLU A 1 42 ? -6.594  12.549  3.561   1.00 6.05  ? 45   GLU A OE2 1 
ATOM   346 N N   . GLN A 1 43 ? -10.001 7.853   2.278   1.00 9.33  ? 46   GLN A N   1 
ATOM   347 C CA  . GLN A 1 43 ? -11.411 8.001   2.589   1.00 12.31 ? 46   GLN A CA  1 
ATOM   348 C C   . GLN A 1 43 ? -11.458 7.821   4.076   1.00 9.97  ? 46   GLN A C   1 
ATOM   349 O O   . GLN A 1 43 ? -10.686 7.046   4.658   1.00 9.73  ? 46   GLN A O   1 
ATOM   350 C CB  . GLN A 1 43 ? -12.331 6.906   2.031   1.00 18.68 ? 46   GLN A CB  1 
ATOM   351 C CG  . GLN A 1 43 ? -12.469 6.491   0.552   1.00 27.25 ? 46   GLN A CG  1 
ATOM   352 C CD  . GLN A 1 43 ? -13.645 5.504   0.264   1.00 33.56 ? 46   GLN A CD  1 
ATOM   353 O OE1 . GLN A 1 43 ? -14.653 5.817   -0.408  1.00 31.22 ? 46   GLN A OE1 1 
ATOM   354 N NE2 . GLN A 1 43 ? -13.553 4.263   0.767   1.00 31.35 ? 46   GLN A NE2 1 
ATOM   355 N N   . VAL A 1 44 ? -12.373 8.573   4.680   1.00 10.70 ? 47   VAL A N   1 
ATOM   356 C CA  . VAL A 1 44 ? -12.638 8.469   6.112   1.00 10.86 ? 47   VAL A CA  1 
ATOM   357 C C   . VAL A 1 44 ? -13.740 7.403   6.213   1.00 12.19 ? 47   VAL A C   1 
ATOM   358 O O   . VAL A 1 44 ? -14.769 7.460   5.547   1.00 11.50 ? 47   VAL A O   1 
ATOM   359 C CB  . VAL A 1 44 ? -13.101 9.866   6.660   1.00 10.79 ? 47   VAL A CB  1 
ATOM   360 C CG1 . VAL A 1 44 ? -13.425 9.890   8.145   1.00 2.00  ? 47   VAL A CG1 1 
ATOM   361 C CG2 . VAL A 1 44 ? -11.952 10.820  6.410   1.00 10.57 ? 47   VAL A CG2 1 
ATOM   362 N N   . VAL A 1 45 ? -13.456 6.403   7.029   1.00 11.07 ? 48   VAL A N   1 
ATOM   363 C CA  . VAL A 1 45 ? -14.301 5.273   7.311   1.00 14.22 ? 48   VAL A CA  1 
ATOM   364 C C   . VAL A 1 45 ? -14.286 5.160   8.872   1.00 16.83 ? 48   VAL A C   1 
ATOM   365 O O   . VAL A 1 45 ? -14.507 6.174   9.565   1.00 18.30 ? 48   VAL A O   1 
ATOM   366 C CB  . VAL A 1 45 ? -13.562 4.255   6.359   1.00 15.27 ? 48   VAL A CB  1 
ATOM   367 C CG1 . VAL A 1 45 ? -12.988 2.999   7.018   1.00 13.96 ? 48   VAL A CG1 1 
ATOM   368 C CG2 . VAL A 1 45 ? -14.579 3.958   5.268   1.00 10.96 ? 48   VAL A CG2 1 
ATOM   369 N N   . ALA A 1 46 ? -14.079 3.991   9.522   1.00 15.79 ? 49   ALA A N   1 
ATOM   370 C CA  . ALA A 1 46 ? -13.873 3.858   10.953  1.00 13.11 ? 49   ALA A CA  1 
ATOM   371 C C   . ALA A 1 46 ? -12.362 3.908   10.997  1.00 11.74 ? 49   ALA A C   1 
ATOM   372 O O   . ALA A 1 46 ? -11.665 2.926   11.226  1.00 15.03 ? 49   ALA A O   1 
ATOM   373 C CB  . ALA A 1 46 ? -14.329 2.493   11.444  1.00 16.25 ? 49   ALA A CB  1 
ATOM   374 N N   . GLY A 1 47 ? -11.848 5.098   10.767  1.00 8.92  ? 50   GLY A N   1 
ATOM   375 C CA  . GLY A 1 47 ? -10.439 5.272   10.530  1.00 6.48  ? 50   GLY A CA  1 
ATOM   376 C C   . GLY A 1 47 ? -10.268 5.745   9.096   1.00 5.49  ? 50   GLY A C   1 
ATOM   377 O O   . GLY A 1 47 ? -11.157 6.326   8.454   1.00 2.67  ? 50   GLY A O   1 
ATOM   378 N N   . ILE A 1 48 ? -9.067  5.529   8.572   1.00 7.54  ? 51   ILE A N   1 
ATOM   379 C CA  . ILE A 1 48 ? -8.847  5.979   7.211   1.00 8.57  ? 51   ILE A CA  1 
ATOM   380 C C   . ILE A 1 48 ? -8.588  4.745   6.341   1.00 8.48  ? 51   ILE A C   1 
ATOM   381 O O   . ILE A 1 48 ? -8.098  3.687   6.768   1.00 11.02 ? 51   ILE A O   1 
ATOM   382 C CB  . ILE A 1 48 ? -7.670  7.075   7.246   1.00 7.60  ? 51   ILE A CB  1 
ATOM   383 C CG1 . ILE A 1 48 ? -8.070  8.486   7.824   1.00 2.00  ? 51   ILE A CG1 1 
ATOM   384 C CG2 . ILE A 1 48 ? -7.331  7.394   5.817   1.00 12.82 ? 51   ILE A CG2 1 
ATOM   385 C CD1 . ILE A 1 48 ? -8.628  9.544   6.873   1.00 2.00  ? 51   ILE A CD1 1 
ATOM   386 N N   . MET A 1 49 ? -9.109  4.901   5.125   1.00 5.75  ? 52   MET A N   1 
ATOM   387 C CA  . MET A 1 49 ? -8.937  3.943   4.066   1.00 6.20  ? 52   MET A CA  1 
ATOM   388 C C   . MET A 1 49 ? -8.016  4.516   2.995   1.00 4.17  ? 52   MET A C   1 
ATOM   389 O O   . MET A 1 49 ? -8.374  5.437   2.274   1.00 2.45  ? 52   MET A O   1 
ATOM   390 C CB  . MET A 1 49 ? -10.289 3.606   3.455   1.00 11.33 ? 52   MET A CB  1 
ATOM   391 C CG  . MET A 1 49 ? -10.815 2.225   3.692   1.00 15.16 ? 52   MET A CG  1 
ATOM   392 S SD  . MET A 1 49 ? -9.780  0.992   2.876   1.00 28.37 ? 52   MET A SD  1 
ATOM   393 C CE  . MET A 1 49 ? -10.120 1.387   1.192   1.00 21.56 ? 52   MET A CE  1 
ATOM   394 N N   . TYR A 1 50 ? -6.817  3.923   2.895   1.00 7.26  ? 53   TYR A N   1 
ATOM   395 C CA  . TYR A 1 50 ? -5.773  4.265   1.928   1.00 7.07  ? 53   TYR A CA  1 
ATOM   396 C C   . TYR A 1 50 ? -5.623  3.360   0.715   1.00 7.74  ? 53   TYR A C   1 
ATOM   397 O O   . TYR A 1 50 ? -5.339  2.164   0.832   1.00 6.49  ? 53   TYR A O   1 
ATOM   398 C CB  . TYR A 1 50 ? -4.416  4.306   2.598   1.00 9.47  ? 53   TYR A CB  1 
ATOM   399 C CG  . TYR A 1 50 ? -4.308  5.374   3.699   1.00 10.87 ? 53   TYR A CG  1 
ATOM   400 C CD1 . TYR A 1 50 ? -4.518  6.734   3.426   1.00 4.94  ? 53   TYR A CD1 1 
ATOM   401 C CD2 . TYR A 1 50 ? -3.987  4.953   5.004   1.00 7.98  ? 53   TYR A CD2 1 
ATOM   402 C CE1 . TYR A 1 50 ? -4.405  7.658   4.467   1.00 8.44  ? 53   TYR A CE1 1 
ATOM   403 C CE2 . TYR A 1 50 ? -3.867  5.883   6.042   1.00 7.26  ? 53   TYR A CE2 1 
ATOM   404 C CZ  . TYR A 1 50 ? -4.081  7.231   5.772   1.00 10.59 ? 53   TYR A CZ  1 
ATOM   405 O OH  . TYR A 1 50 ? -4.003  8.129   6.820   1.00 10.75 ? 53   TYR A OH  1 
ATOM   406 N N   . TYR A 1 51 ? -5.815  4.054   -0.424  1.00 6.85  ? 54   TYR A N   1 
ATOM   407 C CA  . TYR A 1 51 ? -5.643  3.596   -1.796  1.00 6.05  ? 54   TYR A CA  1 
ATOM   408 C C   . TYR A 1 51 ? -4.310  4.090   -2.401  1.00 4.54  ? 54   TYR A C   1 
ATOM   409 O O   . TYR A 1 51 ? -4.132  5.149   -3.013  1.00 2.00  ? 54   TYR A O   1 
ATOM   410 C CB  . TYR A 1 51 ? -6.778  4.111   -2.630  1.00 8.41  ? 54   TYR A CB  1 
ATOM   411 C CG  . TYR A 1 51 ? -8.177  3.734   -2.199  1.00 12.59 ? 54   TYR A CG  1 
ATOM   412 C CD1 . TYR A 1 51 ? -8.839  4.479   -1.217  1.00 14.64 ? 54   TYR A CD1 1 
ATOM   413 C CD2 . TYR A 1 51 ? -8.832  2.693   -2.876  1.00 14.09 ? 54   TYR A CD2 1 
ATOM   414 C CE1 . TYR A 1 51 ? -10.180 4.192   -0.925  1.00 19.94 ? 54   TYR A CE1 1 
ATOM   415 C CE2 . TYR A 1 51 ? -10.165 2.397   -2.587  1.00 17.58 ? 54   TYR A CE2 1 
ATOM   416 C CZ  . TYR A 1 51 ? -10.840 3.152   -1.617  1.00 20.29 ? 54   TYR A CZ  1 
ATOM   417 O OH  . TYR A 1 51 ? -12.181 2.891   -1.384  1.00 21.40 ? 54   TYR A OH  1 
ATOM   418 N N   . ILE A 1 52 ? -3.319  3.231   -2.240  1.00 4.83  ? 55   ILE A N   1 
ATOM   419 C CA  . ILE A 1 52 ? -1.978  3.561   -2.656  1.00 6.43  ? 55   ILE A CA  1 
ATOM   420 C C   . ILE A 1 52 ? -1.661  2.890   -3.974  1.00 6.95  ? 55   ILE A C   1 
ATOM   421 O O   . ILE A 1 52 ? -1.894  1.701   -4.135  1.00 11.16 ? 55   ILE A O   1 
ATOM   422 C CB  . ILE A 1 52 ? -0.974  3.113   -1.548  1.00 5.18  ? 55   ILE A CB  1 
ATOM   423 C CG1 . ILE A 1 52 ? -1.304  3.693   -0.151  1.00 6.19  ? 55   ILE A CG1 1 
ATOM   424 C CG2 . ILE A 1 52 ? 0.389   3.570   -2.009  1.00 2.00  ? 55   ILE A CG2 1 
ATOM   425 C CD1 . ILE A 1 52 ? -0.530  3.074   1.053   1.00 7.04  ? 55   ILE A CD1 1 
ATOM   426 N N   . THR A 1 53 ? -1.123  3.622   -4.948  1.00 7.00  ? 56   THR A N   1 
ATOM   427 C CA  . THR A 1 53 ? -0.741  3.044   -6.222  1.00 4.23  ? 56   THR A CA  1 
ATOM   428 C C   . THR A 1 53 ? 0.777   3.138   -6.202  1.00 3.96  ? 56   THR A C   1 
ATOM   429 O O   . THR A 1 53 ? 1.311   4.200   -5.913  1.00 3.43  ? 56   THR A O   1 
ATOM   430 C CB  . THR A 1 53 ? -1.403  3.852   -7.369  1.00 6.55  ? 56   THR A CB  1 
ATOM   431 O OG1 . THR A 1 53 ? -2.805  3.944   -7.070  1.00 3.02  ? 56   THR A OG1 1 
ATOM   432 C CG2 . THR A 1 53 ? -1.198  3.185   -8.725  1.00 2.13  ? 56   THR A CG2 1 
ATOM   433 N N   . LEU A 1 54 ? 1.467   1.997   -6.420  1.00 3.22  ? 57   LEU A N   1 
ATOM   434 C CA  . LEU A 1 54 ? 2.907   1.875   -6.277  1.00 2.97  ? 57   LEU A CA  1 
ATOM   435 C C   . LEU A 1 54 ? 3.602   0.957   -7.256  1.00 3.03  ? 57   LEU A C   1 
ATOM   436 O O   . LEU A 1 54 ? 2.989   0.163   -7.961  1.00 3.25  ? 57   LEU A O   1 
ATOM   437 C CB  . LEU A 1 54 ? 3.284   1.422   -4.816  1.00 4.66  ? 57   LEU A CB  1 
ATOM   438 C CG  . LEU A 1 54 ? 3.002   0.128   -3.991  1.00 6.98  ? 57   LEU A CG  1 
ATOM   439 C CD1 . LEU A 1 54 ? 1.484   -0.063  -3.900  1.00 4.39  ? 57   LEU A CD1 1 
ATOM   440 C CD2 . LEU A 1 54 ? 3.756   -1.089  -4.582  1.00 3.42  ? 57   LEU A CD2 1 
ATOM   441 N N   . ALA A 1 55 ? 4.915   1.090   -7.304  1.00 2.00  ? 58   ALA A N   1 
ATOM   442 C CA  . ALA A 1 55 ? 5.687   0.245   -8.164  1.00 4.44  ? 58   ALA A CA  1 
ATOM   443 C C   . ALA A 1 55 ? 6.395   -0.805  -7.322  1.00 6.59  ? 58   ALA A C   1 
ATOM   444 O O   . ALA A 1 55 ? 6.945   -0.478  -6.257  1.00 6.33  ? 58   ALA A O   1 
ATOM   445 C CB  . ALA A 1 55 ? 6.711   1.111   -8.950  1.00 6.42  ? 58   ALA A CB  1 
ATOM   446 N N   . ALA A 1 56 ? 6.324   -2.094  -7.722  1.00 6.20  ? 59   ALA A N   1 
ATOM   447 C CA  . ALA A 1 56 ? 7.101   -3.153  -7.069  1.00 6.14  ? 59   ALA A CA  1 
ATOM   448 C C   . ALA A 1 56 ? 7.811   -4.008  -8.111  1.00 9.18  ? 59   ALA A C   1 
ATOM   449 O O   . ALA A 1 56 ? 7.370   -4.090  -9.262  1.00 10.42 ? 59   ALA A O   1 
ATOM   450 C CB  . ALA A 1 56 ? 6.238   -4.120  -6.217  1.00 2.89  ? 59   ALA A CB  1 
ATOM   451 N N   . THR A 1 57 ? 8.960   -4.608  -7.777  1.00 9.67  ? 60   THR A N   1 
ATOM   452 C CA  . THR A 1 57 ? 9.595   -5.485  -8.722  1.00 9.76  ? 60   THR A CA  1 
ATOM   453 C C   . THR A 1 57 ? 9.347   -6.914  -8.326  1.00 14.26 ? 60   THR A C   1 
ATOM   454 O O   . THR A 1 57 ? 9.327   -7.316  -7.157  1.00 13.81 ? 60   THR A O   1 
ATOM   455 C CB  . THR A 1 57 ? 11.095  -5.259  -8.799  1.00 10.49 ? 60   THR A CB  1 
ATOM   456 O OG1 . THR A 1 57 ? 11.617  -5.645  -7.542  1.00 13.75 ? 60   THR A OG1 1 
ATOM   457 C CG2 . THR A 1 57 ? 11.452  -3.831  -9.174  1.00 8.40  ? 60   THR A CG2 1 
ATOM   458 N N   . ASP A 1 58 ? 9.131   -7.643  -9.405  1.00 18.76 ? 61   ASP A N   1 
ATOM   459 C CA  . ASP A 1 58 ? 8.875   -9.056  -9.363  1.00 24.64 ? 61   ASP A CA  1 
ATOM   460 C C   . ASP A 1 58 ? 10.034  -9.788  -10.021 1.00 27.92 ? 61   ASP A C   1 
ATOM   461 O O   . ASP A 1 58 ? 10.325  -9.725  -11.222 1.00 26.36 ? 61   ASP A O   1 
ATOM   462 C CB  . ASP A 1 58 ? 7.577   -9.306  -10.079 1.00 28.59 ? 61   ASP A CB  1 
ATOM   463 C CG  . ASP A 1 58 ? 6.756   -10.425 -9.468  1.00 29.31 ? 61   ASP A CG  1 
ATOM   464 O OD1 . ASP A 1 58 ? 5.575   -10.184 -9.216  1.00 32.52 ? 61   ASP A OD1 1 
ATOM   465 O OD2 . ASP A 1 58 ? 7.290   -11.511 -9.249  1.00 27.64 ? 61   ASP A OD2 1 
ATOM   466 N N   . ASP A 1 59 ? 10.630  -10.458 -9.035  1.00 31.82 ? 62   ASP A N   1 
ATOM   467 C CA  . ASP A 1 59 ? 11.869  -11.237 -9.046  1.00 38.69 ? 62   ASP A CA  1 
ATOM   468 C C   . ASP A 1 59 ? 12.339  -12.241 -10.110 1.00 41.82 ? 62   ASP A C   1 
ATOM   469 O O   . ASP A 1 59 ? 12.921  -13.336 -10.034 1.00 43.66 ? 62   ASP A O   1 
ATOM   470 C CB  . ASP A 1 59 ? 11.952  -11.904 -7.674  1.00 40.18 ? 62   ASP A CB  1 
ATOM   471 C CG  . ASP A 1 59 ? 12.573  -10.922 -6.699  1.00 40.27 ? 62   ASP A CG  1 
ATOM   472 O OD1 . ASP A 1 59 ? 12.013  -9.827  -6.518  1.00 37.62 ? 62   ASP A OD1 1 
ATOM   473 O OD2 . ASP A 1 59 ? 13.635  -11.267 -6.165  1.00 40.63 ? 62   ASP A OD2 1 
ATOM   474 N N   . ALA A 1 60 ? 12.695  -11.138 -10.737 1.00 41.98 ? 63   ALA A N   1 
ATOM   475 C CA  . ALA A 1 60 ? 13.342  -10.981 -12.002 1.00 40.32 ? 63   ALA A CA  1 
ATOM   476 C C   . ALA A 1 60 ? 13.594  -9.465  -12.011 1.00 36.19 ? 63   ALA A C   1 
ATOM   477 O O   . ALA A 1 60 ? 14.200  -8.959  -12.972 1.00 39.97 ? 63   ALA A O   1 
ATOM   478 C CB  . ALA A 1 60 ? 12.364  -11.404 -13.085 1.00 41.42 ? 63   ALA A CB  1 
ATOM   479 N N   . GLY A 1 61 ? 13.162  -8.740  -10.934 1.00 28.38 ? 64   GLY A N   1 
ATOM   480 C CA  . GLY A 1 61 ? 13.298  -7.310  -10.857 1.00 22.64 ? 64   GLY A CA  1 
ATOM   481 C C   . GLY A 1 61 ? 12.497  -6.642  -11.974 1.00 21.52 ? 64   GLY A C   1 
ATOM   482 O O   . GLY A 1 61 ? 12.879  -5.570  -12.443 1.00 19.53 ? 64   GLY A O   1 
ATOM   483 N N   . LYS A 1 62 ? 11.397  -7.285  -12.425 1.00 19.39 ? 65   LYS A N   1 
ATOM   484 C CA  . LYS A 1 62 ? 10.529  -6.687  -13.437 1.00 20.16 ? 65   LYS A CA  1 
ATOM   485 C C   . LYS A 1 62 ? 9.526   -5.747  -12.776 1.00 18.72 ? 65   LYS A C   1 
ATOM   486 O O   . LYS A 1 62 ? 8.814   -6.126  -11.843 1.00 18.25 ? 65   LYS A O   1 
ATOM   487 C CB  . LYS A 1 62 ? 9.770   -7.763  -14.201 1.00 22.76 ? 65   LYS A CB  1 
ATOM   488 C CG  . LYS A 1 62 ? 10.670  -8.819  -14.834 1.00 28.21 ? 65   LYS A CG  1 
ATOM   489 C CD  . LYS A 1 62 ? 11.732  -8.268  -15.778 1.00 28.08 ? 65   LYS A CD  1 
ATOM   490 C CE  . LYS A 1 62 ? 12.466  -9.398  -16.471 1.00 31.78 ? 65   LYS A CE  1 
ATOM   491 N NZ  . LYS A 1 62 ? 13.390  -10.092 -15.587 1.00 33.34 ? 65   LYS A NZ  1 
ATOM   492 N N   . LYS A 1 63 ? 9.406   -4.507  -13.228 1.00 16.70 ? 66   LYS A N   1 
ATOM   493 C CA  . LYS A 1 63 ? 8.526   -3.590  -12.508 1.00 14.89 ? 66   LYS A CA  1 
ATOM   494 C C   . LYS A 1 63 ? 7.056   -3.720  -12.890 1.00 14.71 ? 66   LYS A C   1 
ATOM   495 O O   . LYS A 1 63 ? 6.685   -3.939  -14.047 1.00 15.52 ? 66   LYS A O   1 
ATOM   496 C CB  . LYS A 1 63 ? 8.986   -2.163  -12.747 1.00 12.19 ? 66   LYS A CB  1 
ATOM   497 C CG  . LYS A 1 63 ? 10.418  -1.893  -12.301 1.00 10.52 ? 66   LYS A CG  1 
ATOM   498 C CD  . LYS A 1 63 ? 10.875  -0.571  -12.870 1.00 7.94  ? 66   LYS A CD  1 
ATOM   499 C CE  . LYS A 1 63 ? 10.018  0.533   -12.300 1.00 12.20 ? 66   LYS A CE  1 
ATOM   500 N NZ  . LYS A 1 63 ? 10.486  1.831   -12.728 1.00 14.17 ? 66   LYS A NZ  1 
ATOM   501 N N   . LYS A 1 64 ? 6.187   -3.656  -11.883 1.00 14.53 ? 67   LYS A N   1 
ATOM   502 C CA  . LYS A 1 64 ? 4.751   -3.714  -12.078 1.00 12.21 ? 67   LYS A CA  1 
ATOM   503 C C   . LYS A 1 64 ? 4.107   -2.689  -11.168 1.00 10.88 ? 67   LYS A C   1 
ATOM   504 O O   . LYS A 1 64 ? 4.710   -2.362  -10.153 1.00 7.94  ? 67   LYS A O   1 
ATOM   505 C CB  . LYS A 1 64 ? 4.259   -5.126  -11.767 1.00 15.88 ? 67   LYS A CB  1 
ATOM   506 C CG  . LYS A 1 64 ? 4.939   -6.192  -12.636 1.00 18.77 ? 67   LYS A CG  1 
ATOM   507 C CD  . LYS A 1 64 ? 4.220   -7.531  -12.709 1.00 26.14 ? 67   LYS A CD  1 
ATOM   508 C CE  . LYS A 1 64 ? 5.033   -8.504  -13.557 1.00 27.67 ? 67   LYS A CE  1 
ATOM   509 N NZ  . LYS A 1 64 ? 6.367   -8.680  -13.025 1.00 26.42 ? 67   LYS A NZ  1 
ATOM   510 N N   . ILE A 1 65 ? 2.948   -2.115  -11.572 1.00 12.26 ? 68   ILE A N   1 
ATOM   511 C CA  . ILE A 1 65 ? 2.153   -1.137  -10.807 1.00 11.80 ? 68   ILE A CA  1 
ATOM   512 C C   . ILE A 1 65 ? 1.068   -1.943  -10.066 1.00 11.22 ? 68   ILE A C   1 
ATOM   513 O O   . ILE A 1 65 ? 0.279   -2.706  -10.625 1.00 11.38 ? 68   ILE A O   1 
ATOM   514 C CB  . ILE A 1 65 ? 1.365   -0.082  -11.681 1.00 13.50 ? 68   ILE A CB  1 
ATOM   515 C CG1 . ILE A 1 65 ? 2.172   0.704   -12.735 1.00 14.10 ? 68   ILE A CG1 1 
ATOM   516 C CG2 . ILE A 1 65 ? 0.816   0.910   -10.682 1.00 15.51 ? 68   ILE A CG2 1 
ATOM   517 C CD1 . ILE A 1 65 ? 3.260   1.704   -12.373 1.00 11.30 ? 68   ILE A CD1 1 
ATOM   518 N N   . TYR A 1 66 ? 0.994   -1.733  -8.762  1.00 10.40 ? 69   TYR A N   1 
ATOM   519 C CA  . TYR A 1 66 ? 0.074   -2.431  -7.891  1.00 7.07  ? 69   TYR A CA  1 
ATOM   520 C C   . TYR A 1 66 ? -0.730  -1.409  -7.144  1.00 6.14  ? 69   TYR A C   1 
ATOM   521 O O   . TYR A 1 66 ? -0.395  -0.243  -7.075  1.00 3.89  ? 69   TYR A O   1 
ATOM   522 C CB  . TYR A 1 66 ? 0.807   -3.290  -6.857  1.00 6.70  ? 69   TYR A CB  1 
ATOM   523 C CG  . TYR A 1 66 ? 1.642   -4.419  -7.451  1.00 8.46  ? 69   TYR A CG  1 
ATOM   524 C CD1 . TYR A 1 66 ? 1.119   -5.713  -7.610  1.00 7.86  ? 69   TYR A CD1 1 
ATOM   525 C CD2 . TYR A 1 66 ? 2.930   -4.144  -7.855  1.00 5.49  ? 69   TYR A CD2 1 
ATOM   526 C CE1 . TYR A 1 66 ? 1.893   -6.723  -8.175  1.00 6.57  ? 69   TYR A CE1 1 
ATOM   527 C CE2 . TYR A 1 66 ? 3.694   -5.146  -8.422  1.00 9.34  ? 69   TYR A CE2 1 
ATOM   528 C CZ  . TYR A 1 66 ? 3.186   -6.426  -8.578  1.00 8.86  ? 69   TYR A CZ  1 
ATOM   529 O OH  . TYR A 1 66 ? 4.014   -7.403  -9.112  1.00 16.28 ? 69   TYR A OH  1 
ATOM   530 N N   . LYS A 1 67 ? -1.819  -1.870  -6.568  1.00 8.45  ? 70   LYS A N   1 
ATOM   531 C CA  . LYS A 1 67 ? -2.648  -1.035  -5.738  1.00 7.95  ? 70   LYS A CA  1 
ATOM   532 C C   . LYS A 1 67 ? -3.118  -1.825  -4.518  1.00 7.84  ? 70   LYS A C   1 
ATOM   533 O O   . LYS A 1 67 ? -3.690  -2.923  -4.594  1.00 7.11  ? 70   LYS A O   1 
ATOM   534 C CB  . LYS A 1 67 ? -3.801  -0.558  -6.591  1.00 9.93  ? 70   LYS A CB  1 
ATOM   535 C CG  . LYS A 1 67 ? -5.006  0.002   -5.876  1.00 13.32 ? 70   LYS A CG  1 
ATOM   536 C CD  . LYS A 1 67 ? -5.957  0.556   -6.918  1.00 12.99 ? 70   LYS A CD  1 
ATOM   537 C CE  . LYS A 1 67 ? -7.318  0.589   -6.292  1.00 15.96 ? 70   LYS A CE  1 
ATOM   538 N NZ  . LYS A 1 67 ? -7.265  1.320   -5.040  1.00 24.12 ? 70   LYS A NZ  1 
ATOM   539 N N   . ALA A 1 68 ? -2.776  -1.188  -3.389  1.00 4.37  ? 71   ALA A N   1 
ATOM   540 C CA  . ALA A 1 68 ? -3.180  -1.666  -2.090  1.00 4.83  ? 71   ALA A CA  1 
ATOM   541 C C   . ALA A 1 68 ? -4.189  -0.711  -1.431  1.00 5.93  ? 71   ALA A C   1 
ATOM   542 O O   . ALA A 1 68 ? -4.241  0.513   -1.607  1.00 4.89  ? 71   ALA A O   1 
ATOM   543 C CB  . ALA A 1 68 ? -1.957  -1.824  -1.208  1.00 2.00  ? 71   ALA A CB  1 
ATOM   544 N N   . LYS A 1 69 ? -5.147  -1.376  -0.784  1.00 8.39  ? 72   LYS A N   1 
ATOM   545 C CA  . LYS A 1 69 ? -6.155  -0.667  -0.024  1.00 9.06  ? 72   LYS A CA  1 
ATOM   546 C C   . LYS A 1 69 ? -5.932  -1.156  1.386   1.00 9.47  ? 72   LYS A C   1 
ATOM   547 O O   . LYS A 1 69 ? -5.995  -2.339  1.708   1.00 9.71  ? 72   LYS A O   1 
ATOM   548 C CB  . LYS A 1 69 ? -7.518  -1.019  -0.520  1.00 9.46  ? 72   LYS A CB  1 
ATOM   549 C CG  . LYS A 1 69 ? -7.747  -0.775  -2.010  1.00 8.33  ? 72   LYS A CG  1 
ATOM   550 C CD  . LYS A 1 69 ? -9.165  -1.198  -2.264  1.00 9.54  ? 72   LYS A CD  1 
ATOM   551 C CE  . LYS A 1 69 ? -9.500  -1.069  -3.711  1.00 13.81 ? 72   LYS A CE  1 
ATOM   552 N NZ  . LYS A 1 69 ? -8.650  -1.991  -4.423  1.00 23.53 ? 72   LYS A NZ  1 
ATOM   553 N N   . ILE A 1 70 ? -5.464  -0.225  2.214   1.00 9.79  ? 73   ILE A N   1 
ATOM   554 C CA  . ILE A 1 70 ? -5.200  -0.600  3.582   1.00 9.18  ? 73   ILE A CA  1 
ATOM   555 C C   . ILE A 1 70 ? -5.968  0.294   4.572   1.00 10.88 ? 73   ILE A C   1 
ATOM   556 O O   . ILE A 1 70 ? -6.085  1.515   4.453   1.00 13.88 ? 73   ILE A O   1 
ATOM   557 C CB  . ILE A 1 70 ? -3.594  -0.651  3.799   1.00 6.25  ? 73   ILE A CB  1 
ATOM   558 C CG1 . ILE A 1 70 ? -3.215  0.205   4.957   1.00 4.50  ? 73   ILE A CG1 1 
ATOM   559 C CG2 . ILE A 1 70 ? -2.809  -0.258  2.539   1.00 5.45  ? 73   ILE A CG2 1 
ATOM   560 C CD1 . ILE A 1 70 ? -1.967  -0.322  5.625   1.00 5.27  ? 73   ILE A CD1 1 
ATOM   561 N N   . TRP A 1 71 ? -6.618  -0.426  5.487   1.00 10.36 ? 74   TRP A N   1 
ATOM   562 C CA  . TRP A 1 71 ? -7.402  0.137   6.563   1.00 12.69 ? 74   TRP A CA  1 
ATOM   563 C C   . TRP A 1 71 ? -6.564  0.268   7.825   1.00 13.37 ? 74   TRP A C   1 
ATOM   564 O O   . TRP A 1 71 ? -6.018  -0.701  8.369   1.00 12.74 ? 74   TRP A O   1 
ATOM   565 C CB  . TRP A 1 71 ? -8.595  -0.745  6.871   1.00 9.23  ? 74   TRP A CB  1 
ATOM   566 C CG  . TRP A 1 71 ? -9.518  -0.147  7.903   1.00 12.13 ? 74   TRP A CG  1 
ATOM   567 C CD1 . TRP A 1 71 ? -9.730  1.202   8.028   1.00 14.44 ? 74   TRP A CD1 1 
ATOM   568 C CD2 . TRP A 1 71 ? -10.267 -0.871  8.759   1.00 16.53 ? 74   TRP A CD2 1 
ATOM   569 N NE1 . TRP A 1 71 ? -10.626 1.341   8.960   1.00 13.89 ? 74   TRP A NE1 1 
ATOM   570 C CE2 . TRP A 1 71 ? -10.970 0.129   9.414   1.00 16.09 ? 74   TRP A CE2 1 
ATOM   571 C CE3 . TRP A 1 71 ? -10.469 -2.212  9.065   1.00 22.43 ? 74   TRP A CE3 1 
ATOM   572 C CZ2 . TRP A 1 71 ? -11.901 -0.195  10.392  1.00 20.86 ? 74   TRP A CZ2 1 
ATOM   573 C CZ3 . TRP A 1 71 ? -11.402 -2.546  10.045  1.00 20.41 ? 74   TRP A CZ3 1 
ATOM   574 C CH2 . TRP A 1 71 ? -12.112 -1.540  10.702  1.00 22.98 ? 74   TRP A CH2 1 
ATOM   575 N N   . VAL A 1 72 ? -6.522  1.531   8.263   1.00 11.80 ? 75   VAL A N   1 
ATOM   576 C CA  . VAL A 1 72 ? -5.734  1.870   9.424   1.00 9.25  ? 75   VAL A CA  1 
ATOM   577 C C   . VAL A 1 72 ? -6.406  2.870   10.342  1.00 10.93 ? 75   VAL A C   1 
ATOM   578 O O   . VAL A 1 72 ? -7.135  3.794   10.000  1.00 10.84 ? 75   VAL A O   1 
ATOM   579 C CB  . VAL A 1 72 ? -4.292  2.321   8.927   1.00 7.54  ? 75   VAL A CB  1 
ATOM   580 C CG1 . VAL A 1 72 ? -4.386  3.005   7.616   1.00 7.22  ? 75   VAL A CG1 1 
ATOM   581 C CG2 . VAL A 1 72 ? -3.631  3.243   9.899   1.00 3.74  ? 75   VAL A CG2 1 
ATOM   582 N N   . LYS A 1 73 ? -6.243  2.411   11.582  1.00 11.53 ? 76   LYS A N   1 
ATOM   583 C CA  . LYS A 1 73 ? -6.714  3.050   12.778  1.00 10.96 ? 76   LYS A CA  1 
ATOM   584 C C   . LYS A 1 73 ? -5.494  3.204   13.679  1.00 11.38 ? 76   LYS A C   1 
ATOM   585 O O   . LYS A 1 73 ? -5.078  2.320   14.426  1.00 10.61 ? 76   LYS A O   1 
ATOM   586 C CB  . LYS A 1 73 ? -7.775  2.161   13.366  1.00 11.29 ? 76   LYS A CB  1 
ATOM   587 C CG  . LYS A 1 73 ? -8.960  1.946   12.420  1.00 11.11 ? 76   LYS A CG  1 
ATOM   588 C CD  . LYS A 1 73 ? -10.098 1.274   13.166  1.00 14.29 ? 76   LYS A CD  1 
ATOM   589 C CE  . LYS A 1 73 ? -9.813  -0.192  13.312  1.00 16.78 ? 76   LYS A CE  1 
ATOM   590 N NZ  . LYS A 1 73 ? -10.598 -0.788  14.366  1.00 20.09 ? 76   LYS A NZ  1 
ATOM   591 N N   . GLU A 1 74 ? -4.957  4.415   13.524  1.00 14.74 ? 77   GLU A N   1 
ATOM   592 C CA  . GLU A 1 74 ? -3.747  5.016   14.103  1.00 18.41 ? 77   GLU A CA  1 
ATOM   593 C C   . GLU A 1 74 ? -3.551  4.806   15.595  1.00 19.51 ? 77   GLU A C   1 
ATOM   594 O O   . GLU A 1 74 ? -2.536  4.332   16.101  1.00 21.29 ? 77   GLU A O   1 
ATOM   595 C CB  . GLU A 1 74 ? -3.756  6.541   13.839  1.00 18.28 ? 77   GLU A CB  1 
ATOM   596 C CG  . GLU A 1 74 ? -3.996  7.044   12.411  1.00 22.87 ? 77   GLU A CG  1 
ATOM   597 C CD  . GLU A 1 74 ? -5.350  6.733   11.715  1.00 23.66 ? 77   GLU A CD  1 
ATOM   598 O OE1 . GLU A 1 74 ? -5.314  6.352   10.541  1.00 18.75 ? 77   GLU A OE1 1 
ATOM   599 O OE2 . GLU A 1 74 ? -6.430  6.863   12.317  1.00 27.34 ? 77   GLU A OE2 1 
ATOM   600 N N   . TRP A 1 75 ? -4.641  5.227   16.230  1.00 21.79 ? 78   TRP A N   1 
ATOM   601 C CA  . TRP A 1 75 ? -4.934  5.259   17.653  1.00 23.40 ? 78   TRP A CA  1 
ATOM   602 C C   . TRP A 1 75 ? -4.962  3.911   18.335  1.00 25.12 ? 78   TRP A C   1 
ATOM   603 O O   . TRP A 1 75 ? -4.632  3.823   19.521  1.00 26.67 ? 78   TRP A O   1 
ATOM   604 C CB  . TRP A 1 75 ? -6.281  5.980   17.860  1.00 19.74 ? 78   TRP A CB  1 
ATOM   605 C CG  . TRP A 1 75 ? -7.287  5.910   16.695  1.00 19.78 ? 78   TRP A CG  1 
ATOM   606 C CD1 . TRP A 1 75 ? -7.223  6.793   15.628  1.00 17.95 ? 78   TRP A CD1 1 
ATOM   607 C CD2 . TRP A 1 75 ? -8.341  5.040   16.586  1.00 13.50 ? 78   TRP A CD2 1 
ATOM   608 N NE1 . TRP A 1 75 ? -8.243  6.489   14.846  1.00 19.36 ? 78   TRP A NE1 1 
ATOM   609 C CE2 . TRP A 1 75 ? -8.927  5.458   15.385  1.00 12.79 ? 78   TRP A CE2 1 
ATOM   610 C CE3 . TRP A 1 75 ? -8.877  3.988   17.315  1.00 12.07 ? 78   TRP A CE3 1 
ATOM   611 C CZ2 . TRP A 1 75 ? -10.067 4.833   14.891  1.00 13.81 ? 78   TRP A CZ2 1 
ATOM   612 C CZ3 . TRP A 1 75 ? -10.027 3.365   16.812  1.00 17.13 ? 78   TRP A CZ3 1 
ATOM   613 C CH2 . TRP A 1 75 ? -10.624 3.775   15.614  1.00 12.43 ? 78   TRP A CH2 1 
ATOM   614 N N   . GLU A 1 76 ? -5.354  2.856   17.611  1.00 25.71 ? 79   GLU A N   1 
ATOM   615 C CA  . GLU A 1 76 ? -5.295  1.504   18.161  1.00 27.35 ? 79   GLU A CA  1 
ATOM   616 C C   . GLU A 1 76 ? -4.239  0.617   17.498  1.00 30.49 ? 79   GLU A C   1 
ATOM   617 O O   . GLU A 1 76 ? -4.267  -0.627  17.612  1.00 30.47 ? 79   GLU A O   1 
ATOM   618 C CB  . GLU A 1 76 ? -6.669  0.848   18.029  1.00 27.32 ? 79   GLU A CB  1 
ATOM   619 C CG  . GLU A 1 76 ? -7.173  0.622   16.636  1.00 29.52 ? 79   GLU A CG  1 
ATOM   620 C CD  . GLU A 1 76 ? -8.447  -0.184  16.623  1.00 30.91 ? 79   GLU A CD  1 
ATOM   621 O OE1 . GLU A 1 76 ? -9.443  0.324   17.134  1.00 35.60 ? 79   GLU A OE1 1 
ATOM   622 O OE2 . GLU A 1 76 ? -8.453  -1.299  16.101  1.00 29.52 ? 79   GLU A OE2 1 
ATOM   623 N N   . ASP A 1 77 ? -3.264  1.345   16.881  1.00 32.38 ? 80   ASP A N   1 
ATOM   624 C CA  . ASP A 1 77 ? -2.193  0.872   16.003  1.00 33.09 ? 80   ASP A CA  1 
ATOM   625 C C   . ASP A 1 77 ? -2.620  -0.386  15.239  1.00 31.44 ? 80   ASP A C   1 
ATOM   626 O O   . ASP A 1 77 ? -2.207  -1.539  15.437  1.00 33.59 ? 80   ASP A O   1 
ATOM   627 C CB  . ASP A 1 77 ? -0.892  0.650   16.835  1.00 38.13 ? 80   ASP A CB  1 
ATOM   628 C CG  . ASP A 1 77 ? -0.916  -0.293  18.047  1.00 45.21 ? 80   ASP A CG  1 
ATOM   629 O OD1 . ASP A 1 77 ? -0.167  -1.278  18.052  1.00 48.46 ? 80   ASP A OD1 1 
ATOM   630 O OD2 . ASP A 1 77 ? -1.659  -0.039  19.004  1.00 51.35 ? 80   ASP A OD2 1 
ATOM   631 N N   . PHE A 1 78 ? -3.605  -0.091  14.393  1.00 27.07 ? 81   PHE A N   1 
ATOM   632 C CA  . PHE A 1 78 ? -4.248  -1.099  13.588  1.00 25.18 ? 81   PHE A CA  1 
ATOM   633 C C   . PHE A 1 78 ? -3.936  -0.918  12.118  1.00 23.23 ? 81   PHE A C   1 
ATOM   634 O O   . PHE A 1 78 ? -4.310  0.112   11.553  1.00 24.35 ? 81   PHE A O   1 
ATOM   635 C CB  . PHE A 1 78 ? -5.746  -1.002  13.822  1.00 23.87 ? 81   PHE A CB  1 
ATOM   636 C CG  . PHE A 1 78 ? -6.606  -1.840  12.896  1.00 24.71 ? 81   PHE A CG  1 
ATOM   637 C CD1 . PHE A 1 78 ? -6.998  -3.121  13.293  1.00 25.59 ? 81   PHE A CD1 1 
ATOM   638 C CD2 . PHE A 1 78 ? -7.009  -1.331  11.654  1.00 24.57 ? 81   PHE A CD2 1 
ATOM   639 C CE1 . PHE A 1 78 ? -7.796  -3.883  12.441  1.00 24.70 ? 81   PHE A CE1 1 
ATOM   640 C CE2 . PHE A 1 78 ? -7.801  -2.102  10.815  1.00 24.30 ? 81   PHE A CE2 1 
ATOM   641 C CZ  . PHE A 1 78 ? -8.197  -3.376  11.204  1.00 24.16 ? 81   PHE A CZ  1 
ATOM   642 N N   . LYS A 1 79 ? -3.312  -1.909  11.481  1.00 20.87 ? 82   LYS A N   1 
ATOM   643 C CA  . LYS A 1 79 ? -3.123  -1.873  10.027  1.00 20.17 ? 82   LYS A CA  1 
ATOM   644 C C   . LYS A 1 79 ? -3.695  -3.119  9.348   1.00 18.95 ? 82   LYS A C   1 
ATOM   645 O O   . LYS A 1 79 ? -3.383  -4.260  9.734   1.00 18.94 ? 82   LYS A O   1 
ATOM   646 C CB  . LYS A 1 79 ? -1.637  -1.767  9.648   1.00 19.29 ? 82   LYS A CB  1 
ATOM   647 C CG  . LYS A 1 79 ? -1.091  -0.353  9.563   1.00 19.75 ? 82   LYS A CG  1 
ATOM   648 C CD  . LYS A 1 79 ? 0.243   -0.300  8.826   1.00 21.83 ? 82   LYS A CD  1 
ATOM   649 C CE  . LYS A 1 79 ? 1.428   -0.896  9.570   1.00 25.99 ? 82   LYS A CE  1 
ATOM   650 N NZ  . LYS A 1 79 ? 1.860   -0.093  10.701  1.00 31.16 ? 82   LYS A NZ  1 
ATOM   651 N N   . LYS A 1 80 ? -4.537  -2.927  8.321   1.00 15.89 ? 83   LYS A N   1 
ATOM   652 C CA  . LYS A 1 80 ? -5.104  -4.100  7.680   1.00 16.94 ? 83   LYS A CA  1 
ATOM   653 C C   . LYS A 1 80 ? -5.237  -3.947  6.185   1.00 15.65 ? 83   LYS A C   1 
ATOM   654 O O   . LYS A 1 80 ? -5.941  -3.073  5.693   1.00 16.93 ? 83   LYS A O   1 
ATOM   655 C CB  . LYS A 1 80 ? -6.496  -4.423  8.238   1.00 19.00 ? 83   LYS A CB  1 
ATOM   656 C CG  . LYS A 1 80 ? -6.886  -5.871  7.896   1.00 20.56 ? 83   LYS A CG  1 
ATOM   657 C CD  . LYS A 1 80 ? -8.361  -6.148  8.124   1.00 22.82 ? 83   LYS A CD  1 
ATOM   658 C CE  . LYS A 1 80 ? -8.508  -7.359  9.038   1.00 26.03 ? 83   LYS A CE  1 
ATOM   659 N NZ  . LYS A 1 80 ? -8.057  -7.091  10.400  1.00 29.43 ? 83   LYS A NZ  1 
ATOM   660 N N   . VAL A 1 81 ? -4.576  -4.830  5.444   1.00 16.48 ? 84   VAL A N   1 
ATOM   661 C CA  . VAL A 1 81 ? -4.674  -4.809  3.984   1.00 15.65 ? 84   VAL A CA  1 
ATOM   662 C C   . VAL A 1 81 ? -6.044  -5.345  3.601   1.00 13.20 ? 84   VAL A C   1 
ATOM   663 O O   . VAL A 1 81 ? -6.342  -6.497  3.919   1.00 13.31 ? 84   VAL A O   1 
ATOM   664 C CB  . VAL A 1 81 ? -3.584  -5.692  3.334   1.00 14.95 ? 84   VAL A CB  1 
ATOM   665 C CG1 . VAL A 1 81 ? -3.612  -5.461  1.830   1.00 11.26 ? 84   VAL A CG1 1 
ATOM   666 C CG2 . VAL A 1 81 ? -2.221  -5.397  3.963   1.00 10.71 ? 84   VAL A CG2 1 
ATOM   667 N N   . VAL A 1 82 ? -6.896  -4.494  3.017   1.00 11.60 ? 85   VAL A N   1 
ATOM   668 C CA  . VAL A 1 82 ? -8.178  -5.007  2.602   1.00 14.78 ? 85   VAL A CA  1 
ATOM   669 C C   . VAL A 1 82 ? -8.024  -5.515  1.179   1.00 15.07 ? 85   VAL A C   1 
ATOM   670 O O   . VAL A 1 82 ? -8.640  -6.517  0.860   1.00 15.40 ? 85   VAL A O   1 
ATOM   671 C CB  . VAL A 1 82 ? -9.344  -3.929  2.699   1.00 15.30 ? 85   VAL A CB  1 
ATOM   672 C CG1 . VAL A 1 82 ? -9.238  -3.269  4.065   1.00 13.08 ? 85   VAL A CG1 1 
ATOM   673 C CG2 . VAL A 1 82 ? -9.322  -2.893  1.606   1.00 14.34 ? 85   VAL A CG2 1 
ATOM   674 N N   . GLU A 1 83 ? -7.244  -4.897  0.280   1.00 15.37 ? 86   GLU A N   1 
ATOM   675 C CA  . GLU A 1 83 ? -7.005  -5.458  -1.052  1.00 13.93 ? 86   GLU A CA  1 
ATOM   676 C C   . GLU A 1 83 ? -5.636  -5.121  -1.636  1.00 11.01 ? 86   GLU A C   1 
ATOM   677 O O   . GLU A 1 83 ? -4.951  -4.200  -1.213  1.00 10.09 ? 86   GLU A O   1 
ATOM   678 C CB  . GLU A 1 83 ? -8.106  -4.998  -2.005  1.00 18.22 ? 86   GLU A CB  1 
ATOM   679 C CG  . GLU A 1 83 ? -8.498  -6.127  -2.973  1.00 20.08 ? 86   GLU A CG  1 
ATOM   680 C CD  . GLU A 1 83 ? -9.991  -6.153  -3.214  1.00 19.69 ? 86   GLU A CD  1 
ATOM   681 O OE1 . GLU A 1 83 ? -10.502 -5.316  -3.958  1.00 22.97 ? 86   GLU A OE1 1 
ATOM   682 O OE2 . GLU A 1 83 ? -10.644 -6.994  -2.620  1.00 19.69 ? 86   GLU A OE2 1 
ATOM   683 N N   . PHE A 1 84 ? -5.209  -5.907  -2.612  1.00 11.25 ? 87   PHE A N   1 
ATOM   684 C CA  . PHE A 1 84 ? -3.889  -5.815  -3.219  1.00 12.46 ? 87   PHE A CA  1 
ATOM   685 C C   . PHE A 1 84 ? -3.997  -6.480  -4.593  1.00 15.24 ? 87   PHE A C   1 
ATOM   686 O O   . PHE A 1 84 ? -4.316  -7.672  -4.714  1.00 13.88 ? 87   PHE A O   1 
ATOM   687 C CB  . PHE A 1 84 ? -2.868  -6.548  -2.325  1.00 7.87  ? 87   PHE A CB  1 
ATOM   688 C CG  . PHE A 1 84 ? -1.376  -6.366  -2.639  1.00 6.90  ? 87   PHE A CG  1 
ATOM   689 C CD1 . PHE A 1 84 ? -0.817  -6.892  -3.810  1.00 3.42  ? 87   PHE A CD1 1 
ATOM   690 C CD2 . PHE A 1 84 ? -0.573  -5.664  -1.732  1.00 2.00  ? 87   PHE A CD2 1 
ATOM   691 C CE1 . PHE A 1 84 ? 0.535   -6.704  -4.056  1.00 6.80  ? 87   PHE A CE1 1 
ATOM   692 C CE2 . PHE A 1 84 ? 0.777   -5.477  -1.992  1.00 2.00  ? 87   PHE A CE2 1 
ATOM   693 C CZ  . PHE A 1 84 ? 1.332   -5.993  -3.147  1.00 5.23  ? 87   PHE A CZ  1 
ATOM   694 N N   . LYS A 1 85 ? -3.723  -5.684  -5.637  1.00 14.54 ? 88   LYS A N   1 
ATOM   695 C CA  . LYS A 1 85 ? -3.791  -6.165  -7.010  1.00 15.56 ? 88   LYS A CA  1 
ATOM   696 C C   . LYS A 1 85 ? -2.975  -5.313  -7.965  1.00 17.01 ? 88   LYS A C   1 
ATOM   697 O O   . LYS A 1 85 ? -2.391  -4.293  -7.605  1.00 17.71 ? 88   LYS A O   1 
ATOM   698 C CB  . LYS A 1 85 ? -5.242  -6.175  -7.502  1.00 16.98 ? 88   LYS A CB  1 
ATOM   699 C CG  . LYS A 1 85 ? -5.902  -4.803  -7.518  1.00 18.45 ? 88   LYS A CG  1 
ATOM   700 C CD  . LYS A 1 85 ? -7.288  -4.924  -8.103  1.00 24.55 ? 88   LYS A CD  1 
ATOM   701 C CE  . LYS A 1 85 ? -8.006  -3.581  -8.038  1.00 30.40 ? 88   LYS A CE  1 
ATOM   702 N NZ  . LYS A 1 85 ? -7.289  -2.548  -8.771  1.00 33.51 ? 88   LYS A NZ  1 
ATOM   703 N N   . LEU A 1 86 ? -2.913  -5.791  -9.205  1.00 18.15 ? 89   LEU A N   1 
ATOM   704 C CA  . LEU A 1 86 ? -2.345  -5.047  -10.296 1.00 16.09 ? 89   LEU A CA  1 
ATOM   705 C C   . LEU A 1 86 ? -3.420  -4.085  -10.755 1.00 17.41 ? 89   LEU A C   1 
ATOM   706 O O   . LEU A 1 86 ? -4.611  -4.363  -10.606 1.00 19.94 ? 89   LEU A O   1 
ATOM   707 C CB  . LEU A 1 86 ? -2.003  -6.017  -11.335 1.00 17.70 ? 89   LEU A CB  1 
ATOM   708 C CG  . LEU A 1 86 ? -0.630  -6.550  -11.107 1.00 18.42 ? 89   LEU A CG  1 
ATOM   709 C CD1 . LEU A 1 86 ? -0.549  -7.995  -11.517 1.00 19.91 ? 89   LEU A CD1 1 
ATOM   710 C CD2 . LEU A 1 86 ? 0.332   -5.681  -11.893 1.00 21.03 ? 89   LEU A CD2 1 
ATOM   711 N N   . VAL A 1 87 ? -3.001  -2.937  -11.295 1.00 18.17 ? 90   VAL A N   1 
ATOM   712 C CA  . VAL A 1 87 ? -3.888  -1.846  -11.681 1.00 17.89 ? 90   VAL A CA  1 
ATOM   713 C C   . VAL A 1 87 ? -4.469  -1.952  -13.103 1.00 21.66 ? 90   VAL A C   1 
ATOM   714 O O   . VAL A 1 87 ? -5.637  -1.577  -13.255 1.00 25.91 ? 90   VAL A O   1 
ATOM   715 C CB  . VAL A 1 87 ? -3.074  -0.502  -11.442 1.00 17.28 ? 90   VAL A CB  1 
ATOM   716 C CG1 . VAL A 1 87 ? -3.791  0.753   -11.935 1.00 16.11 ? 90   VAL A CG1 1 
ATOM   717 C CG2 . VAL A 1 87 ? -2.870  -0.349  -9.947  1.00 11.30 ? 90   VAL A CG2 1 
HETATM 718 O O   . HOH B 2 .  ? -14.922 13.830  0.217   1.00 32.95 ? 2001 HOH A O   1 
HETATM 719 O O   . HOH B 2 .  ? -16.025 8.494   -4.275  1.00 29.93 ? 2002 HOH A O   1 
HETATM 720 O O   . HOH B 2 .  ? -5.231  15.228  1.769   1.00 12.39 ? 2003 HOH A O   1 
HETATM 721 O O   . HOH B 2 .  ? 0.036   12.451  -7.182  1.00 26.45 ? 2004 HOH A O   1 
HETATM 722 O O   . HOH B 2 .  ? -3.980  18.090  -2.953  1.00 45.60 ? 2005 HOH A O   1 
HETATM 723 O O   . HOH B 2 .  ? -4.670  13.079  -8.630  1.00 15.85 ? 2006 HOH A O   1 
HETATM 724 O O   . HOH B 2 .  ? -0.955  11.308  -4.076  1.00 29.92 ? 2007 HOH A O   1 
HETATM 725 O O   . HOH B 2 .  ? 3.784   19.096  -4.105  1.00 45.83 ? 2008 HOH A O   1 
HETATM 726 O O   . HOH B 2 .  ? 0.788   18.787  -4.338  1.00 32.86 ? 2009 HOH A O   1 
HETATM 727 O O   . HOH B 2 .  ? 0.064   14.102  2.426   1.00 49.00 ? 2010 HOH A O   1 
HETATM 728 O O   . HOH B 2 .  ? 11.038  5.215   4.258   1.00 32.07 ? 2011 HOH A O   1 
HETATM 729 O O   . HOH B 2 .  ? 10.222  5.657   12.652  1.00 29.23 ? 2012 HOH A O   1 
HETATM 730 O O   . HOH B 2 .  ? 6.201   8.705   10.540  1.00 40.90 ? 2013 HOH A O   1 
HETATM 731 O O   . HOH B 2 .  ? 11.446  8.897   8.412   1.00 25.93 ? 2014 HOH A O   1 
HETATM 732 O O   . HOH B 2 .  ? 10.423  10.298  -0.305  1.00 17.46 ? 2015 HOH A O   1 
HETATM 733 O O   . HOH B 2 .  ? 10.777  5.579   -2.979  1.00 21.34 ? 2016 HOH A O   1 
HETATM 734 O O   . HOH B 2 .  ? 2.635   10.781  6.177   1.00 34.93 ? 2017 HOH A O   1 
HETATM 735 O O   . HOH B 2 .  ? 10.279  -13.893 7.593   1.00 33.58 ? 2018 HOH A O   1 
HETATM 736 O O   . HOH B 2 .  ? -2.985  7.232   9.450   1.00 26.60 ? 2019 HOH A O   1 
HETATM 737 O O   . HOH B 2 .  ? 3.263   4.214   8.600   1.00 11.61 ? 2020 HOH A O   1 
HETATM 738 O O   . HOH B 2 .  ? 11.460  -17.471 -6.081  1.00 49.77 ? 2021 HOH A O   1 
HETATM 739 O O   . HOH B 2 .  ? 11.003  8.714   3.365   1.00 26.72 ? 2022 HOH A O   1 
HETATM 740 O O   . HOH B 2 .  ? 13.664  -0.542  -5.652  1.00 35.20 ? 2023 HOH A O   1 
HETATM 741 O O   . HOH B 2 .  ? 6.374   -0.660  7.880   1.00 16.35 ? 2024 HOH A O   1 
HETATM 742 O O   . HOH B 2 .  ? 9.071   7.998   10.416  1.00 23.35 ? 2025 HOH A O   1 
HETATM 743 O O   . HOH B 2 .  ? 11.424  5.349   7.127   1.00 22.64 ? 2026 HOH A O   1 
HETATM 744 O O   . HOH B 2 .  ? 9.894   -4.233  4.094   1.00 32.59 ? 2027 HOH A O   1 
HETATM 745 O O   . HOH B 2 .  ? 2.994   -7.228  7.323   1.00 17.79 ? 2028 HOH A O   1 
HETATM 746 O O   . HOH B 2 .  ? 8.981   -10.864 8.732   1.00 34.08 ? 2029 HOH A O   1 
HETATM 747 O O   . HOH B 2 .  ? 13.839  -19.380 -12.688 1.00 44.14 ? 2030 HOH A O   1 
HETATM 748 O O   . HOH B 2 .  ? -3.723  -7.499  6.815   1.00 13.18 ? 2031 HOH A O   1 
HETATM 749 O O   . HOH B 2 .  ? 2.278   -13.125 -7.248  1.00 55.15 ? 2032 HOH A O   1 
HETATM 750 O O   . HOH B 2 .  ? -1.413  -8.946  -7.847  1.00 53.19 ? 2033 HOH A O   1 
HETATM 751 O O   . HOH B 2 .  ? 8.844   -9.546  2.388   1.00 18.53 ? 2034 HOH A O   1 
HETATM 752 O O   . HOH B 2 .  ? 3.393   -18.872 3.364   1.00 14.98 ? 2035 HOH A O   1 
HETATM 753 O O   . HOH B 2 .  ? -2.646  -11.672 0.408   1.00 16.03 ? 2036 HOH A O   1 
HETATM 754 O O   . HOH B 2 .  ? 9.510   -12.813 0.474   1.00 15.35 ? 2037 HOH A O   1 
HETATM 755 O O   . HOH B 2 .  ? -4.104  -7.707  -16.183 1.00 28.68 ? 2038 HOH A O   1 
HETATM 756 O O   . HOH B 2 .  ? 7.976   -16.799 -6.094  1.00 40.72 ? 2039 HOH A O   1 
HETATM 757 O O   . HOH B 2 .  ? 7.635   -13.346 -6.744  1.00 24.69 ? 2040 HOH A O   1 
HETATM 758 O O   . HOH B 2 .  ? 13.489  -1.520  -2.887  1.00 35.19 ? 2041 HOH A O   1 
HETATM 759 O O   . HOH B 2 .  ? 9.821   -4.496  -0.287  1.00 8.45  ? 2042 HOH A O   1 
HETATM 760 O O   . HOH B 2 .  ? 5.365   9.347   -8.858  1.00 27.54 ? 2043 HOH A O   1 
HETATM 761 O O   . HOH B 2 .  ? -8.379  5.098   -10.893 1.00 31.74 ? 2044 HOH A O   1 
HETATM 762 O O   . HOH B 2 .  ? -11.427 11.779  3.016   1.00 10.05 ? 2045 HOH A O   1 
HETATM 763 O O   . HOH B 2 .  ? -1.797  11.949  5.743   1.00 12.68 ? 2046 HOH A O   1 
HETATM 764 O O   . HOH B 2 .  ? -16.862 2.322   -1.925  1.00 30.80 ? 2047 HOH A O   1 
HETATM 765 O O   . HOH B 2 .  ? -14.096 10.207  3.331   1.00 10.08 ? 2048 HOH A O   1 
HETATM 766 O O   . HOH B 2 .  ? -16.520 7.625   9.488   1.00 21.95 ? 2049 HOH A O   1 
HETATM 767 O O   . HOH B 2 .  ? -5.333  10.782  9.882   1.00 21.58 ? 2050 HOH A O   1 
HETATM 768 O O   . HOH B 2 .  ? 13.343  -3.739  -6.541  1.00 21.12 ? 2051 HOH A O   1 
HETATM 769 O O   . HOH B 2 .  ? 12.996  -16.137 -9.880  1.00 40.43 ? 2052 HOH A O   1 
HETATM 770 O O   . HOH B 2 .  ? 2.156   -3.654  -14.719 1.00 20.30 ? 2053 HOH A O   1 
HETATM 771 O O   . HOH B 2 .  ? 1.554   -2.907  -3.847  1.00 13.84 ? 2054 HOH A O   1 
HETATM 772 O O   . HOH B 2 .  ? -6.481  4.596   -6.282  1.00 19.43 ? 2055 HOH A O   1 
HETATM 773 O O   . HOH B 2 .  ? -4.470  8.889   17.435  1.00 15.82 ? 2056 HOH A O   1 
HETATM 774 O O   . HOH B 2 .  ? -0.769  3.236   20.149  1.00 38.02 ? 2057 HOH A O   1 
HETATM 775 O O   . HOH B 2 .  ? -0.380  3.198   11.308  1.00 42.45 ? 2058 HOH A O   1 
HETATM 776 O O   . HOH B 2 .  ? -6.758  -5.539  -12.560 1.00 35.67 ? 2059 HOH A O   1 
HETATM 777 O O   . HOH B 2 .  ? -6.637  -2.462  -16.589 1.00 40.22 ? 2060 HOH A O   1 
# 
